data_4BJM
#
_entry.id   4BJM
#
_cell.length_a   88.470
_cell.length_b   125.610
_cell.length_c   128.860
_cell.angle_alpha   90.00
_cell.angle_beta   90.00
_cell.angle_gamma   90.00
#
_symmetry.space_group_name_H-M   'P 21 21 21'
#
loop_
_entity.id
_entity.type
_entity.pdbx_description
1 polymer AVRM
2 non-polymer 'CHLORIDE ION'
3 water water
#
_entity_poly.entity_id   1
_entity_poly.type   'polypeptide(L)'
_entity_poly.pdbx_seq_one_letter_code
;SNAQPEFDRGFLRPFGAKMKFLKPDQVQKLSTDDLITYMAEKDKNVRDLAIKLRDAKQDSTKNGTPEIKQKYDKAYEKTK
AAAEKLVSEESLTRDALLELTEEQYVEKAALFDKDVYRNNLQRQTYERLLRSETDVSYREVARTFIAREGEPALNAKIER
LALTLENNADTRSKLDYLAIAADFLKNQANLHADDPELNLYKAETKAREIKANRAMKEALEGADKLFERNKILKSPDM
;
_entity_poly.pdbx_strand_id   A,B,C,D
#
loop_
_chem_comp.id
_chem_comp.type
_chem_comp.name
_chem_comp.formula
CL non-polymer 'CHLORIDE ION' 'Cl -1'
#
# COMPACT_ATOMS: atom_id res chain seq x y z
N GLN A 4 -14.09 -35.20 40.06
CA GLN A 4 -13.93 -33.81 39.68
C GLN A 4 -13.41 -33.66 38.20
N PRO A 5 -14.12 -32.84 37.34
CA PRO A 5 -13.68 -32.70 35.93
C PRO A 5 -12.46 -31.78 35.72
N GLU A 6 -11.60 -32.13 34.73
CA GLU A 6 -10.40 -31.36 34.35
C GLU A 6 -10.78 -30.51 33.12
N PHE A 7 -10.08 -30.77 32.02
CA PHE A 7 -10.28 -30.27 30.68
C PHE A 7 -9.83 -31.38 29.73
N ASP A 8 -10.74 -31.80 28.81
CA ASP A 8 -10.44 -32.82 27.83
C ASP A 8 -9.60 -32.21 26.70
N ARG A 9 -8.28 -32.48 26.70
CA ARG A 9 -7.34 -31.95 25.68
C ARG A 9 -7.28 -32.73 24.41
N GLY A 10 -7.74 -33.98 24.46
CA GLY A 10 -7.68 -34.90 23.35
C GLY A 10 -6.23 -35.30 23.14
N PHE A 11 -5.71 -35.10 21.91
CA PHE A 11 -4.33 -35.44 21.61
C PHE A 11 -3.36 -34.29 21.91
N LEU A 12 -3.87 -33.14 22.40
CA LEU A 12 -3.00 -32.02 22.73
C LEU A 12 -2.46 -32.17 24.15
N ARG A 13 -1.34 -31.54 24.43
CA ARG A 13 -0.63 -31.60 25.70
C ARG A 13 -0.94 -30.38 26.53
N PRO A 14 -0.71 -30.35 27.88
CA PRO A 14 -1.08 -29.15 28.66
C PRO A 14 -0.31 -27.92 28.23
N PHE A 15 -0.89 -26.74 28.45
CA PHE A 15 -0.27 -25.48 28.03
C PHE A 15 1.10 -25.30 28.68
N GLY A 16 2.07 -24.95 27.86
CA GLY A 16 3.43 -24.69 28.30
C GLY A 16 4.34 -25.90 28.38
N ALA A 17 3.79 -27.13 28.30
CA ALA A 17 4.54 -28.40 28.33
C ALA A 17 5.75 -28.36 27.38
N LYS A 18 6.94 -28.71 27.90
CA LYS A 18 8.17 -28.78 27.13
C LYS A 18 7.97 -29.80 26.03
N MET A 19 8.28 -29.40 24.79
CA MET A 19 8.10 -30.25 23.63
C MET A 19 9.10 -31.41 23.65
N LYS A 20 8.70 -32.53 23.05
CA LYS A 20 9.51 -33.73 22.93
C LYS A 20 9.86 -33.94 21.49
N PHE A 21 11.18 -33.91 21.17
CA PHE A 21 11.65 -34.10 19.80
C PHE A 21 12.35 -35.44 19.68
N LEU A 22 12.16 -36.07 18.54
CA LEU A 22 12.73 -37.36 18.16
C LEU A 22 13.22 -37.29 16.71
N LYS A 23 14.19 -38.15 16.35
CA LYS A 23 14.71 -38.22 14.98
C LYS A 23 13.64 -38.88 14.08
N PRO A 24 13.58 -38.56 12.76
CA PRO A 24 12.49 -39.09 11.91
C PRO A 24 12.27 -40.61 11.97
N ASP A 25 13.34 -41.42 12.19
CA ASP A 25 13.27 -42.88 12.25
C ASP A 25 12.49 -43.32 13.49
N GLN A 26 12.74 -42.65 14.64
CA GLN A 26 12.09 -42.91 15.93
C GLN A 26 10.61 -42.54 15.88
N VAL A 27 10.27 -41.47 15.11
CA VAL A 27 8.89 -41.00 14.94
C VAL A 27 8.11 -42.01 14.10
N GLN A 28 8.76 -42.60 13.08
CA GLN A 28 8.16 -43.61 12.21
C GLN A 28 7.75 -44.87 13.00
N LYS A 29 8.45 -45.13 14.12
CA LYS A 29 8.23 -46.26 15.02
C LYS A 29 7.07 -46.02 16.03
N LEU A 30 6.53 -44.78 16.10
CA LEU A 30 5.46 -44.43 17.04
C LEU A 30 4.12 -44.99 16.61
N SER A 31 3.20 -45.19 17.59
CA SER A 31 1.82 -45.62 17.35
C SER A 31 1.07 -44.46 16.67
N THR A 32 -0.06 -44.75 16.00
CA THR A 32 -0.84 -43.71 15.31
C THR A 32 -1.24 -42.60 16.30
N ASP A 33 -1.56 -42.96 17.54
CA ASP A 33 -2.00 -42.05 18.59
C ASP A 33 -0.83 -41.22 19.06
N ASP A 34 0.31 -41.87 19.31
CA ASP A 34 1.53 -41.21 19.75
C ASP A 34 2.07 -40.26 18.68
N LEU A 35 1.86 -40.62 17.40
CA LEU A 35 2.30 -39.80 16.26
C LEU A 35 1.43 -38.51 16.17
N ILE A 36 0.11 -38.64 16.37
CA ILE A 36 -0.80 -37.50 16.35
C ILE A 36 -0.40 -36.55 17.48
N THR A 37 -0.10 -37.08 18.69
CA THR A 37 0.34 -36.31 19.85
C THR A 37 1.63 -35.56 19.50
N TYR A 38 2.59 -36.27 18.89
CA TYR A 38 3.90 -35.72 18.49
C TYR A 38 3.74 -34.56 17.49
N MET A 39 2.97 -34.80 16.41
CA MET A 39 2.81 -33.84 15.34
C MET A 39 1.90 -32.66 15.70
N ALA A 40 0.80 -32.89 16.47
CA ALA A 40 -0.13 -31.83 16.88
C ALA A 40 0.59 -30.77 17.71
N GLU A 41 1.59 -31.18 18.47
CA GLU A 41 2.38 -30.32 19.33
C GLU A 41 3.31 -29.37 18.52
N LYS A 42 3.74 -29.80 17.32
CA LYS A 42 4.69 -29.13 16.46
C LYS A 42 4.11 -28.50 15.18
N ASP A 43 3.02 -29.04 14.61
CA ASP A 43 2.46 -28.49 13.38
C ASP A 43 1.03 -28.02 13.64
N LYS A 44 0.72 -26.74 13.33
CA LYS A 44 -0.59 -26.11 13.58
C LYS A 44 -1.70 -26.73 12.74
N ASN A 45 -1.40 -27.34 11.58
CA ASN A 45 -2.43 -28.00 10.79
C ASN A 45 -2.91 -29.27 11.52
N VAL A 46 -1.95 -30.11 11.99
CA VAL A 46 -2.26 -31.35 12.72
C VAL A 46 -2.97 -30.96 14.05
N ARG A 47 -2.61 -29.81 14.64
CA ARG A 47 -3.26 -29.34 15.85
C ARG A 47 -4.72 -29.02 15.60
N ASP A 48 -5.01 -28.20 14.56
CA ASP A 48 -6.37 -27.75 14.19
C ASP A 48 -7.28 -28.93 13.85
N LEU A 49 -6.66 -29.96 13.27
CA LEU A 49 -7.34 -31.21 12.93
C LEU A 49 -7.61 -32.05 14.19
N ALA A 50 -6.67 -32.02 15.18
CA ALA A 50 -6.83 -32.74 16.45
C ALA A 50 -7.93 -32.11 17.31
N ILE A 51 -8.14 -30.78 17.17
CA ILE A 51 -9.19 -30.05 17.88
C ILE A 51 -10.55 -30.48 17.29
N LYS A 52 -10.64 -30.52 15.94
CA LYS A 52 -11.85 -30.94 15.25
C LYS A 52 -12.17 -32.43 15.57
N LEU A 53 -11.12 -33.28 15.70
CA LEU A 53 -11.21 -34.70 16.07
C LEU A 53 -11.74 -34.82 17.51
N ARG A 54 -11.25 -33.96 18.42
CA ARG A 54 -11.67 -33.93 19.84
C ARG A 54 -13.17 -33.60 19.98
N ASP A 55 -13.67 -32.60 19.23
CA ASP A 55 -15.09 -32.18 19.22
C ASP A 55 -15.99 -33.30 18.66
N ALA A 56 -15.50 -34.00 17.61
CA ALA A 56 -16.18 -35.10 16.97
C ALA A 56 -16.26 -36.31 17.90
N LYS A 57 -15.15 -36.60 18.66
CA LYS A 57 -15.06 -37.69 19.63
C LYS A 57 -16.07 -37.44 20.79
N GLN A 58 -16.20 -36.16 21.20
CA GLN A 58 -17.11 -35.74 22.27
C GLN A 58 -18.57 -35.96 21.87
N ASP A 59 -18.94 -35.60 20.62
CA ASP A 59 -20.31 -35.72 20.08
C ASP A 59 -20.73 -37.20 19.97
N SER A 60 -19.79 -38.03 19.48
CA SER A 60 -19.93 -39.47 19.26
C SER A 60 -20.12 -40.24 20.57
N THR A 61 -19.46 -39.78 21.66
CA THR A 61 -19.53 -40.38 23.00
C THR A 61 -20.91 -40.12 23.58
N LYS A 62 -21.43 -38.90 23.36
CA LYS A 62 -22.70 -38.46 23.88
C LYS A 62 -23.84 -39.12 23.11
N ASN A 63 -23.73 -39.14 21.78
CA ASN A 63 -24.76 -39.79 20.97
C ASN A 63 -24.10 -40.48 19.76
N GLY A 64 -24.09 -41.81 19.80
CA GLY A 64 -23.47 -42.65 18.79
C GLY A 64 -24.34 -43.01 17.59
N THR A 65 -25.03 -42.01 17.02
CA THR A 65 -25.84 -42.18 15.80
C THR A 65 -24.88 -42.32 14.62
N PRO A 66 -25.21 -43.12 13.57
CA PRO A 66 -24.24 -43.31 12.45
C PRO A 66 -23.71 -42.04 11.80
N GLU A 67 -24.51 -40.96 11.76
CA GLU A 67 -24.14 -39.65 11.20
C GLU A 67 -22.97 -39.03 12.00
N ILE A 68 -23.09 -39.05 13.34
CA ILE A 68 -22.12 -38.50 14.28
C ILE A 68 -20.83 -39.39 14.36
N LYS A 69 -20.98 -40.73 14.38
CA LYS A 69 -19.90 -41.71 14.45
C LYS A 69 -18.99 -41.64 13.21
N GLN A 70 -19.57 -41.47 12.01
CA GLN A 70 -18.77 -41.37 10.79
C GLN A 70 -18.09 -40.01 10.71
N LYS A 71 -18.71 -38.96 11.31
CA LYS A 71 -18.12 -37.61 11.39
C LYS A 71 -16.81 -37.71 12.19
N TYR A 72 -16.79 -38.59 13.22
CA TYR A 72 -15.60 -38.87 14.03
C TYR A 72 -14.55 -39.63 13.21
N ASP A 73 -14.98 -40.68 12.49
CA ASP A 73 -14.14 -41.56 11.66
C ASP A 73 -13.36 -40.78 10.60
N LYS A 74 -14.01 -39.76 10.00
CA LYS A 74 -13.48 -38.88 8.97
C LYS A 74 -12.48 -37.94 9.59
N ALA A 75 -12.88 -37.35 10.74
CA ALA A 75 -12.04 -36.42 11.51
C ALA A 75 -10.73 -37.08 11.96
N TYR A 76 -10.82 -38.37 12.41
CA TYR A 76 -9.67 -39.17 12.84
C TYR A 76 -8.74 -39.47 11.67
N GLU A 77 -9.33 -39.87 10.52
CA GLU A 77 -8.59 -40.25 9.32
C GLU A 77 -7.79 -39.06 8.75
N LYS A 78 -8.40 -37.87 8.74
CA LYS A 78 -7.84 -36.64 8.25
C LYS A 78 -6.62 -36.25 9.08
N THR A 79 -6.70 -36.43 10.42
CA THR A 79 -5.62 -36.13 11.38
C THR A 79 -4.48 -37.12 11.16
N LYS A 80 -4.80 -38.42 11.07
CA LYS A 80 -3.85 -39.51 10.84
C LYS A 80 -3.08 -39.29 9.50
N ALA A 81 -3.79 -38.86 8.45
CA ALA A 81 -3.24 -38.64 7.11
C ALA A 81 -2.25 -37.45 7.08
N ALA A 82 -2.60 -36.36 7.79
CA ALA A 82 -1.81 -35.15 7.93
C ALA A 82 -0.52 -35.41 8.70
N ALA A 83 -0.61 -36.14 9.85
CA ALA A 83 0.49 -36.50 10.72
C ALA A 83 1.44 -37.47 10.04
N GLU A 84 0.89 -38.46 9.30
CA GLU A 84 1.68 -39.48 8.59
C GLU A 84 2.49 -38.89 7.43
N LYS A 85 1.93 -37.86 6.75
CA LYS A 85 2.53 -37.19 5.60
C LYS A 85 3.83 -36.48 5.95
N LEU A 86 3.90 -35.95 7.20
CA LEU A 86 5.04 -35.20 7.69
C LEU A 86 6.26 -36.10 8.00
N VAL A 87 6.07 -37.44 8.07
CA VAL A 87 7.16 -38.41 8.35
C VAL A 87 7.19 -39.53 7.26
N SER A 88 6.44 -39.37 6.14
CA SER A 88 6.41 -40.36 5.05
C SER A 88 7.80 -40.56 4.48
N GLU A 89 8.21 -41.85 4.37
CA GLU A 89 9.50 -42.29 3.84
C GLU A 89 9.83 -41.61 2.50
N GLU A 90 8.80 -41.39 1.67
CA GLU A 90 8.88 -40.74 0.36
C GLU A 90 9.40 -39.29 0.48
N SER A 91 8.93 -38.56 1.51
CA SER A 91 9.29 -37.16 1.74
C SER A 91 10.68 -36.97 2.38
N LEU A 92 11.19 -38.05 3.00
CA LEU A 92 12.44 -38.11 3.75
C LEU A 92 13.63 -38.69 2.96
N THR A 93 13.46 -38.93 1.65
CA THR A 93 14.55 -39.41 0.79
C THR A 93 15.48 -38.23 0.50
N ARG A 94 16.77 -38.52 0.28
CA ARG A 94 17.79 -37.51 -0.01
C ARG A 94 17.39 -36.67 -1.23
N ASP A 95 16.79 -37.38 -2.24
CA ASP A 95 16.30 -36.79 -3.47
C ASP A 95 15.18 -35.79 -3.21
N ALA A 96 14.14 -36.17 -2.43
CA ALA A 96 12.99 -35.33 -2.06
C ALA A 96 13.41 -34.13 -1.19
N LEU A 97 14.39 -34.30 -0.28
CA LEU A 97 14.92 -33.24 0.57
C LEU A 97 15.71 -32.18 -0.24
N LEU A 98 16.31 -32.57 -1.39
CA LEU A 98 17.01 -31.62 -2.25
C LEU A 98 16.05 -30.76 -3.07
N GLU A 99 14.90 -31.34 -3.36
CA GLU A 99 13.88 -30.71 -4.16
C GLU A 99 13.16 -29.62 -3.39
N LEU A 100 13.03 -29.74 -2.04
CA LEU A 100 12.37 -28.75 -1.17
C LEU A 100 13.03 -27.36 -1.22
N THR A 101 12.24 -26.30 -0.97
CA THR A 101 12.78 -24.94 -0.85
C THR A 101 13.42 -24.84 0.53
N GLU A 102 14.31 -23.86 0.70
CA GLU A 102 15.01 -23.64 1.98
C GLU A 102 13.98 -23.56 3.13
N GLU A 103 12.82 -22.91 2.88
CA GLU A 103 11.69 -22.75 3.78
C GLU A 103 11.00 -24.10 4.08
N GLN A 104 10.74 -24.93 3.05
CA GLN A 104 10.09 -26.24 3.29
C GLN A 104 11.02 -27.20 4.03
N TYR A 105 12.32 -27.11 3.73
CA TYR A 105 13.39 -27.91 4.32
C TYR A 105 13.56 -27.58 5.83
N VAL A 106 13.53 -26.28 6.23
CA VAL A 106 13.66 -25.93 7.65
C VAL A 106 12.36 -26.21 8.42
N GLU A 107 11.18 -26.11 7.76
CA GLU A 107 9.86 -26.37 8.35
C GLU A 107 9.68 -27.86 8.59
N LYS A 108 10.33 -28.70 7.78
CA LYS A 108 10.32 -30.13 7.95
C LYS A 108 11.27 -30.53 9.07
N ALA A 109 12.49 -29.96 9.09
CA ALA A 109 13.46 -30.27 10.14
C ALA A 109 12.98 -29.80 11.53
N ALA A 110 12.19 -28.74 11.57
CA ALA A 110 11.69 -28.13 12.80
C ALA A 110 10.79 -29.06 13.62
N LEU A 111 10.23 -30.13 13.00
CA LEU A 111 9.40 -31.17 13.61
C LEU A 111 10.22 -32.21 14.39
N PHE A 112 11.54 -32.26 14.15
CA PHE A 112 12.45 -33.27 14.67
C PHE A 112 13.64 -32.71 15.46
N ASP A 113 13.80 -31.36 15.53
CA ASP A 113 14.93 -30.77 16.24
C ASP A 113 14.48 -29.49 16.94
N LYS A 114 14.83 -29.37 18.23
CA LYS A 114 14.52 -28.28 19.14
C LYS A 114 15.05 -26.94 18.66
N ASP A 115 16.33 -26.91 18.25
CA ASP A 115 17.04 -25.71 17.84
C ASP A 115 16.56 -25.21 16.49
N VAL A 116 16.24 -26.15 15.53
CA VAL A 116 15.66 -25.79 14.22
C VAL A 116 14.29 -25.15 14.46
N TYR A 117 13.49 -25.72 15.41
CA TYR A 117 12.17 -25.22 15.73
C TYR A 117 12.27 -23.77 16.18
N ARG A 118 13.15 -23.46 17.14
CA ARG A 118 13.34 -22.12 17.69
C ARG A 118 13.81 -21.15 16.60
N ASN A 119 14.85 -21.55 15.83
CA ASN A 119 15.39 -20.73 14.76
C ASN A 119 14.34 -20.46 13.65
N ASN A 120 13.50 -21.46 13.32
CA ASN A 120 12.42 -21.35 12.36
C ASN A 120 11.34 -20.33 12.84
N LEU A 121 11.03 -20.34 14.14
CA LEU A 121 10.09 -19.41 14.75
C LEU A 121 10.59 -17.95 14.66
N GLN A 122 11.90 -17.74 14.88
CA GLN A 122 12.54 -16.44 14.82
C GLN A 122 12.46 -15.90 13.39
N ARG A 123 12.90 -16.71 12.40
CA ARG A 123 12.90 -16.35 10.98
C ARG A 123 11.46 -15.97 10.53
N GLN A 124 10.47 -16.73 10.98
CA GLN A 124 9.06 -16.45 10.65
C GLN A 124 8.59 -15.09 11.19
N THR A 125 9.06 -14.67 12.40
CA THR A 125 8.63 -13.37 12.95
C THR A 125 9.37 -12.21 12.22
N TYR A 126 10.66 -12.36 11.93
CA TYR A 126 11.42 -11.36 11.21
C TYR A 126 10.96 -11.18 9.76
N GLU A 127 10.58 -12.29 9.08
CA GLU A 127 10.05 -12.27 7.70
C GLU A 127 8.67 -11.63 7.67
N ARG A 128 7.82 -11.92 8.67
CA ARG A 128 6.49 -11.33 8.78
C ARG A 128 6.60 -9.83 8.97
N LEU A 129 7.49 -9.37 9.86
CA LEU A 129 7.72 -7.95 10.11
C LEU A 129 8.36 -7.25 8.90
N LEU A 130 9.17 -7.98 8.10
CA LEU A 130 9.72 -7.40 6.87
C LEU A 130 8.58 -7.04 5.93
N ARG A 131 7.59 -7.95 5.77
CA ARG A 131 6.43 -7.76 4.93
C ARG A 131 5.48 -6.68 5.48
N SER A 132 5.10 -6.76 6.77
CA SER A 132 4.15 -5.81 7.33
C SER A 132 4.72 -4.40 7.42
N GLU A 133 6.02 -4.24 7.70
CA GLU A 133 6.63 -2.94 7.79
C GLU A 133 6.82 -2.30 6.42
N THR A 134 6.99 -3.11 5.37
CA THR A 134 7.07 -2.59 4.01
C THR A 134 5.70 -1.96 3.62
N ASP A 135 4.59 -2.62 3.91
CA ASP A 135 3.23 -2.15 3.61
C ASP A 135 2.87 -0.91 4.44
N VAL A 136 3.18 -0.88 5.75
CA VAL A 136 2.94 0.28 6.63
C VAL A 136 3.69 1.49 6.07
N SER A 137 5.01 1.35 5.79
CA SER A 137 5.86 2.44 5.28
C SER A 137 5.38 2.91 3.93
N TYR A 138 5.16 1.97 2.98
CA TYR A 138 4.73 2.32 1.66
C TYR A 138 3.47 3.17 1.70
N ARG A 139 2.43 2.72 2.41
CA ARG A 139 1.15 3.43 2.52
C ARG A 139 1.31 4.83 3.19
N GLU A 140 2.28 5.00 4.11
CA GLU A 140 2.57 6.26 4.77
C GLU A 140 3.38 7.20 3.83
N VAL A 141 4.47 6.69 3.23
CA VAL A 141 5.35 7.42 2.32
C VAL A 141 4.60 7.81 1.04
N ALA A 142 3.70 6.94 0.53
CA ALA A 142 2.88 7.23 -0.65
C ALA A 142 1.92 8.39 -0.36
N ARG A 143 1.35 8.46 0.85
CA ARG A 143 0.44 9.54 1.28
C ARG A 143 1.17 10.90 1.26
N THR A 144 2.42 10.94 1.78
CA THR A 144 3.28 12.13 1.82
C THR A 144 3.71 12.49 0.40
N PHE A 145 4.06 11.47 -0.44
CA PHE A 145 4.48 11.68 -1.83
C PHE A 145 3.37 12.33 -2.65
N ILE A 146 2.13 11.81 -2.56
CA ILE A 146 0.95 12.31 -3.29
C ILE A 146 0.65 13.76 -2.87
N ALA A 147 0.78 14.04 -1.56
CA ALA A 147 0.54 15.37 -0.97
C ALA A 147 1.48 16.43 -1.57
N ARG A 148 2.75 16.06 -1.80
CA ARG A 148 3.79 16.97 -2.29
C ARG A 148 4.08 16.86 -3.78
N GLU A 149 3.70 15.76 -4.45
CA GLU A 149 4.04 15.57 -5.86
C GLU A 149 2.85 15.20 -6.75
N GLY A 150 1.73 14.78 -6.18
CA GLY A 150 0.57 14.35 -6.94
C GLY A 150 0.53 12.86 -7.19
N GLU A 151 -0.66 12.32 -7.40
CA GLU A 151 -0.87 10.88 -7.60
C GLU A 151 -0.33 10.44 -8.97
N PRO A 152 -0.49 11.19 -10.09
CA PRO A 152 0.10 10.72 -11.36
C PRO A 152 1.62 10.53 -11.29
N ALA A 153 2.32 11.37 -10.52
CA ALA A 153 3.78 11.31 -10.34
C ALA A 153 4.19 9.99 -9.66
N LEU A 154 3.40 9.53 -8.66
CA LEU A 154 3.62 8.27 -7.95
C LEU A 154 3.36 7.08 -8.88
N ASN A 155 2.18 7.02 -9.52
CA ASN A 155 1.82 5.94 -10.44
C ASN A 155 2.90 5.74 -11.51
N ALA A 156 3.53 6.85 -11.97
CA ALA A 156 4.60 6.90 -12.96
C ALA A 156 5.86 6.25 -12.43
N LYS A 157 6.22 6.55 -11.17
CA LYS A 157 7.38 5.99 -10.48
C LYS A 157 7.21 4.45 -10.30
N ILE A 158 6.02 4.00 -9.83
CA ILE A 158 5.61 2.59 -9.66
C ILE A 158 5.63 1.88 -11.02
N GLU A 159 5.20 2.58 -12.09
CA GLU A 159 5.18 2.06 -13.45
C GLU A 159 6.61 1.83 -13.94
N ARG A 160 7.51 2.80 -13.69
CA ARG A 160 8.95 2.75 -14.01
C ARG A 160 9.60 1.52 -13.35
N LEU A 161 9.17 1.15 -12.12
CA LEU A 161 9.62 -0.02 -11.35
C LEU A 161 9.05 -1.31 -11.90
N ALA A 162 7.73 -1.35 -12.15
CA ALA A 162 7.07 -2.52 -12.72
C ALA A 162 7.58 -2.80 -14.20
N LEU A 163 8.02 -1.72 -14.94
CA LEU A 163 8.53 -1.80 -16.33
C LEU A 163 10.02 -2.21 -16.43
N THR A 164 10.79 -2.09 -15.34
CA THR A 164 12.20 -2.50 -15.31
C THR A 164 12.29 -3.94 -14.79
N LEU A 165 11.46 -4.26 -13.76
CA LEU A 165 11.38 -5.55 -13.08
C LEU A 165 10.32 -6.44 -13.74
N LEU A 175 7.86 -7.88 -8.77
CA LEU A 175 6.75 -8.76 -9.17
C LEU A 175 5.43 -8.45 -8.37
N ASP A 176 5.34 -8.92 -7.11
CA ASP A 176 4.17 -8.72 -6.24
C ASP A 176 4.18 -7.30 -5.65
N TYR A 177 3.06 -6.88 -5.05
CA TYR A 177 2.91 -5.56 -4.45
C TYR A 177 4.04 -5.25 -3.45
N LEU A 178 4.43 -6.21 -2.57
CA LEU A 178 5.46 -6.02 -1.54
C LEU A 178 6.88 -5.86 -2.11
N ALA A 179 7.17 -6.51 -3.26
CA ALA A 179 8.48 -6.37 -3.90
C ALA A 179 8.64 -4.98 -4.54
N ILE A 180 7.59 -4.49 -5.25
CA ILE A 180 7.57 -3.18 -5.91
C ILE A 180 7.60 -2.08 -4.83
N ALA A 181 6.79 -2.23 -3.76
CA ALA A 181 6.73 -1.30 -2.62
C ALA A 181 8.09 -1.12 -1.92
N ALA A 182 8.82 -2.23 -1.63
CA ALA A 182 10.14 -2.22 -0.97
C ALA A 182 11.22 -1.55 -1.85
N ASP A 183 11.16 -1.75 -3.17
CA ASP A 183 12.05 -1.14 -4.15
C ASP A 183 11.80 0.36 -4.25
N PHE A 184 10.51 0.79 -4.20
CA PHE A 184 10.14 2.20 -4.21
C PHE A 184 10.75 2.91 -3.01
N LEU A 185 10.55 2.32 -1.82
CA LEU A 185 11.02 2.86 -0.55
C LEU A 185 12.54 2.97 -0.50
N LYS A 186 13.27 2.00 -1.08
CA LYS A 186 14.73 1.97 -1.14
C LYS A 186 15.28 3.04 -2.10
N ASN A 187 14.69 3.11 -3.31
CA ASN A 187 15.07 4.09 -4.33
C ASN A 187 14.87 5.51 -3.86
N GLN A 188 13.79 5.79 -3.14
CA GLN A 188 13.49 7.12 -2.63
C GLN A 188 14.47 7.51 -1.51
N ALA A 189 14.91 6.54 -0.66
CA ALA A 189 15.89 6.77 0.41
C ALA A 189 17.26 7.12 -0.18
N ASN A 190 17.62 6.46 -1.32
CA ASN A 190 18.86 6.70 -2.05
C ASN A 190 18.84 8.07 -2.73
N LEU A 191 17.65 8.55 -3.18
CA LEU A 191 17.47 9.86 -3.80
C LEU A 191 17.38 10.99 -2.80
N HIS A 192 16.84 10.71 -1.59
CA HIS A 192 16.68 11.68 -0.51
C HIS A 192 17.29 11.13 0.78
N ALA A 193 18.61 11.32 0.92
CA ALA A 193 19.43 10.84 2.04
C ALA A 193 19.20 11.61 3.34
N ASP A 194 18.50 12.75 3.27
CA ASP A 194 18.23 13.59 4.43
C ASP A 194 16.82 13.42 5.01
N ASP A 195 15.96 12.58 4.38
CA ASP A 195 14.58 12.33 4.87
C ASP A 195 14.64 11.33 6.01
N PRO A 196 14.25 11.75 7.25
CA PRO A 196 14.36 10.83 8.40
C PRO A 196 13.45 9.61 8.30
N GLU A 197 12.22 9.75 7.76
CA GLU A 197 11.24 8.67 7.60
C GLU A 197 11.76 7.57 6.66
N LEU A 198 12.34 7.98 5.52
CA LEU A 198 12.88 7.03 4.53
C LEU A 198 14.16 6.36 5.01
N ASN A 199 14.98 7.13 5.73
CA ASN A 199 16.25 6.59 6.20
C ASN A 199 16.06 5.69 7.39
N LEU A 200 14.95 5.87 8.19
CA LEU A 200 14.57 4.97 9.27
C LEU A 200 14.08 3.64 8.67
N TYR A 201 13.23 3.67 7.61
CA TYR A 201 12.76 2.45 6.94
C TYR A 201 13.96 1.66 6.43
N LYS A 202 14.88 2.34 5.72
CA LYS A 202 16.10 1.76 5.15
C LYS A 202 16.92 1.03 6.24
N ALA A 203 17.23 1.73 7.34
CA ALA A 203 18.04 1.24 8.46
C ALA A 203 17.37 0.06 9.16
N GLU A 204 16.06 0.17 9.43
CA GLU A 204 15.28 -0.87 10.10
C GLU A 204 15.14 -2.15 9.25
N THR A 205 15.01 -2.00 7.93
CA THR A 205 14.90 -3.13 6.99
C THR A 205 16.24 -3.87 6.94
N LYS A 206 17.39 -3.15 6.86
CA LYS A 206 18.73 -3.75 6.85
C LYS A 206 18.93 -4.62 8.06
N ALA A 207 18.55 -4.09 9.24
CA ALA A 207 18.68 -4.76 10.53
C ALA A 207 17.72 -6.00 10.60
N ARG A 208 16.50 -5.89 10.05
CA ARG A 208 15.55 -6.99 10.01
C ARG A 208 16.03 -8.11 9.05
N GLU A 209 16.62 -7.73 7.90
CA GLU A 209 17.16 -8.65 6.89
C GLU A 209 18.34 -9.47 7.46
N ILE A 210 19.24 -8.81 8.22
CA ILE A 210 20.39 -9.40 8.90
C ILE A 210 19.90 -10.49 9.85
N LYS A 211 18.92 -10.15 10.72
CA LYS A 211 18.31 -11.05 11.70
C LYS A 211 17.60 -12.22 11.01
N ALA A 212 16.89 -11.99 9.88
CA ALA A 212 16.16 -13.06 9.17
C ALA A 212 17.13 -14.02 8.46
N ASN A 213 18.23 -13.48 7.85
CA ASN A 213 19.24 -14.28 7.19
C ASN A 213 19.98 -15.16 8.21
N ARG A 214 20.32 -14.63 9.41
CA ARG A 214 21.01 -15.38 10.46
C ARG A 214 20.10 -16.49 11.02
N ALA A 215 18.83 -16.21 11.23
CA ALA A 215 17.87 -17.20 11.71
C ALA A 215 17.74 -18.34 10.69
N MET A 216 17.62 -18.01 9.40
CA MET A 216 17.53 -18.97 8.31
C MET A 216 18.84 -19.83 8.22
N LYS A 217 20.00 -19.19 8.30
CA LYS A 217 21.32 -19.82 8.30
C LYS A 217 21.43 -20.87 9.41
N GLU A 218 21.08 -20.47 10.66
CA GLU A 218 21.10 -21.33 11.83
C GLU A 218 20.16 -22.51 11.63
N ALA A 219 18.93 -22.26 11.15
CA ALA A 219 17.92 -23.30 10.93
C ALA A 219 18.37 -24.27 9.82
N LEU A 220 18.92 -23.75 8.72
CA LEU A 220 19.46 -24.57 7.62
C LEU A 220 20.63 -25.43 8.05
N GLU A 221 21.51 -24.89 8.89
CA GLU A 221 22.67 -25.63 9.42
C GLU A 221 22.18 -26.78 10.33
N GLY A 222 21.19 -26.48 11.15
CA GLY A 222 20.56 -27.47 12.02
C GLY A 222 19.82 -28.56 11.26
N ALA A 223 19.24 -28.19 10.10
CA ALA A 223 18.51 -29.09 9.21
C ALA A 223 19.50 -30.04 8.53
N ASP A 224 20.65 -29.49 8.10
CA ASP A 224 21.73 -30.27 7.46
C ASP A 224 22.29 -31.31 8.43
N LYS A 225 22.52 -30.93 9.71
CA LYS A 225 23.02 -31.82 10.75
C LYS A 225 22.02 -32.98 11.01
N LEU A 226 20.70 -32.66 11.09
CA LEU A 226 19.60 -33.59 11.34
C LEU A 226 19.47 -34.60 10.20
N PHE A 227 19.40 -34.13 8.95
CA PHE A 227 19.22 -35.00 7.77
C PHE A 227 20.56 -35.62 7.32
N GLU A 228 21.65 -35.37 8.10
CA GLU A 228 23.03 -35.84 7.96
C GLU A 228 23.67 -35.43 6.61
N ARG A 229 23.31 -34.22 6.14
CA ARG A 229 23.85 -33.69 4.90
C ARG A 229 25.23 -33.03 5.12
N ASN A 230 25.63 -32.78 6.37
CA ASN A 230 26.85 -32.04 6.70
C ASN A 230 28.14 -32.86 6.80
N LYS A 231 28.06 -34.20 6.79
CA LYS A 231 29.23 -35.07 6.97
C LYS A 231 29.33 -36.18 5.88
N ILE A 232 28.86 -35.90 4.63
CA ILE A 232 28.86 -36.80 3.46
C ILE A 232 30.29 -37.28 3.11
N LEU A 233 31.25 -36.34 3.12
CA LEU A 233 32.64 -36.51 2.71
C LEU A 233 33.58 -36.89 3.83
N LYS A 234 34.39 -37.94 3.57
CA LYS A 234 35.45 -38.50 4.42
C LYS A 234 36.63 -38.75 3.52
N SER A 235 37.83 -38.23 3.90
CA SER A 235 39.04 -38.44 3.08
C SER A 235 39.73 -39.75 3.40
N PRO A 236 40.21 -40.44 2.32
CA PRO A 236 40.99 -41.66 2.52
C PRO A 236 42.49 -41.40 2.52
N ASP A 237 43.30 -42.47 2.40
CA ASP A 237 44.74 -42.31 2.27
C ASP A 237 44.98 -41.92 0.81
N MET A 238 45.82 -40.89 0.57
CA MET A 238 46.10 -40.41 -0.77
C MET A 238 47.12 -41.32 -1.41
N ALA B 3 9.25 20.21 -20.78
CA ALA B 3 7.89 20.17 -20.25
C ALA B 3 7.66 21.27 -19.19
N GLN B 4 6.39 21.47 -18.78
CA GLN B 4 5.97 22.41 -17.72
C GLN B 4 4.80 21.79 -16.85
N PRO B 5 4.93 20.53 -16.31
CA PRO B 5 3.83 19.95 -15.50
C PRO B 5 4.05 20.23 -14.01
N GLU B 6 3.84 21.49 -13.60
CA GLU B 6 4.04 21.97 -12.24
C GLU B 6 2.82 21.64 -11.34
N PHE B 7 3.00 20.77 -10.34
CA PHE B 7 1.93 20.39 -9.41
C PHE B 7 1.78 21.51 -8.37
N ASP B 8 0.52 21.92 -8.08
CA ASP B 8 0.23 22.94 -7.08
C ASP B 8 0.41 22.36 -5.68
N ARG B 9 1.61 22.58 -5.09
CA ARG B 9 2.03 22.08 -3.78
C ARG B 9 1.39 22.84 -2.61
N GLY B 10 1.01 24.09 -2.84
CA GLY B 10 0.49 24.97 -1.79
C GLY B 10 1.65 25.37 -0.88
N PHE B 11 1.47 25.24 0.44
CA PHE B 11 2.53 25.58 1.40
C PHE B 11 3.51 24.43 1.65
N LEU B 12 3.32 23.26 0.99
CA LEU B 12 4.18 22.09 1.15
C LEU B 12 5.41 22.24 0.26
N ARG B 13 6.51 21.58 0.67
CA ARG B 13 7.80 21.58 -0.02
C ARG B 13 7.92 20.34 -0.92
N PRO B 14 8.87 20.25 -1.89
CA PRO B 14 8.98 19.02 -2.70
C PRO B 14 9.29 17.79 -1.87
N PHE B 15 8.84 16.62 -2.31
CA PHE B 15 9.03 15.36 -1.58
C PHE B 15 10.52 15.08 -1.36
N GLY B 16 10.86 14.74 -0.11
CA GLY B 16 12.21 14.40 0.30
C GLY B 16 13.14 15.57 0.60
N ALA B 17 12.67 16.82 0.39
CA ALA B 17 13.45 18.05 0.64
C ALA B 17 13.99 18.06 2.06
N LYS B 18 15.31 18.35 2.23
CA LYS B 18 15.94 18.43 3.54
C LYS B 18 15.24 19.51 4.34
N MET B 19 14.81 19.14 5.55
CA MET B 19 14.08 20.03 6.43
C MET B 19 14.96 21.18 6.93
N LYS B 20 14.33 22.31 7.24
CA LYS B 20 14.99 23.50 7.73
C LYS B 20 14.57 23.71 9.18
N PHE B 21 15.52 23.60 10.12
CA PHE B 21 15.26 23.76 11.53
C PHE B 21 15.83 25.07 12.06
N LEU B 22 15.01 25.78 12.86
CA LEU B 22 15.35 27.06 13.48
C LEU B 22 14.99 27.01 14.96
N LYS B 23 15.66 27.83 15.78
CA LYS B 23 15.38 27.93 17.22
C LYS B 23 14.04 28.66 17.41
N PRO B 24 13.28 28.39 18.51
CA PRO B 24 11.93 29.00 18.65
C PRO B 24 11.84 30.52 18.48
N ASP B 25 12.90 31.28 18.84
CA ASP B 25 12.91 32.75 18.72
C ASP B 25 12.94 33.16 17.24
N GLN B 26 13.71 32.44 16.41
CA GLN B 26 13.87 32.66 14.98
C GLN B 26 12.57 32.33 14.23
N VAL B 27 11.82 31.31 14.71
CA VAL B 27 10.54 30.85 14.14
C VAL B 27 9.45 31.91 14.45
N GLN B 28 9.52 32.57 15.62
CA GLN B 28 8.61 33.64 16.04
C GLN B 28 8.72 34.86 15.13
N LYS B 29 9.91 35.05 14.53
CA LYS B 29 10.26 36.15 13.64
C LYS B 29 9.81 35.92 12.18
N LEU B 30 9.33 34.69 11.84
CA LEU B 30 8.88 34.35 10.49
C LEU B 30 7.53 34.97 10.15
N SER B 31 7.28 35.18 8.83
CA SER B 31 6.01 35.67 8.31
C SER B 31 4.96 34.57 8.46
N THR B 32 3.65 34.92 8.43
CA THR B 32 2.56 33.94 8.57
C THR B 32 2.69 32.83 7.49
N ASP B 33 3.04 33.21 6.25
CA ASP B 33 3.21 32.29 5.13
C ASP B 33 4.45 31.38 5.32
N ASP B 34 5.58 31.95 5.82
CA ASP B 34 6.82 31.21 6.10
C ASP B 34 6.69 30.27 7.30
N LEU B 35 5.88 30.66 8.31
CA LEU B 35 5.59 29.88 9.52
C LEU B 35 4.71 28.67 9.18
N ILE B 36 3.77 28.82 8.22
CA ILE B 36 2.92 27.71 7.76
C ILE B 36 3.80 26.70 7.03
N THR B 37 4.70 27.17 6.13
CA THR B 37 5.66 26.34 5.39
C THR B 37 6.56 25.57 6.37
N TYR B 38 7.08 26.26 7.41
CA TYR B 38 7.94 25.68 8.45
C TYR B 38 7.24 24.56 9.23
N MET B 39 6.00 24.82 9.70
CA MET B 39 5.19 23.93 10.54
C MET B 39 4.50 22.82 9.76
N ALA B 40 4.10 23.04 8.50
CA ALA B 40 3.47 21.98 7.69
C ALA B 40 4.49 20.89 7.31
N GLU B 41 5.79 21.23 7.28
CA GLU B 41 6.89 20.33 6.98
C GLU B 41 7.21 19.38 8.17
N LYS B 42 6.96 19.85 9.40
CA LYS B 42 7.27 19.16 10.65
C LYS B 42 6.07 18.60 11.42
N ASP B 43 4.89 19.23 11.32
CA ASP B 43 3.70 18.82 12.05
C ASP B 43 2.62 18.32 11.07
N LYS B 44 2.10 17.11 11.31
CA LYS B 44 1.12 16.50 10.42
C LYS B 44 -0.26 17.16 10.53
N ASN B 45 -0.60 17.79 11.68
CA ASN B 45 -1.88 18.48 11.82
C ASN B 45 -1.90 19.74 10.94
N VAL B 46 -0.83 20.57 11.00
CA VAL B 46 -0.64 21.78 10.19
C VAL B 46 -0.58 21.38 8.71
N ARG B 47 0.06 20.23 8.38
CA ARG B 47 0.16 19.69 7.02
C ARG B 47 -1.22 19.35 6.45
N ASP B 48 -2.03 18.60 7.23
CA ASP B 48 -3.38 18.17 6.84
C ASP B 48 -4.28 19.37 6.64
N LEU B 49 -4.10 20.42 7.44
CA LEU B 49 -4.84 21.67 7.34
C LEU B 49 -4.37 22.46 6.11
N ALA B 50 -3.04 22.46 5.80
CA ALA B 50 -2.46 23.14 4.63
C ALA B 50 -2.97 22.51 3.32
N ILE B 51 -3.22 21.19 3.34
CA ILE B 51 -3.76 20.43 2.21
C ILE B 51 -5.22 20.87 2.04
N LYS B 52 -5.97 20.99 3.17
CA LYS B 52 -7.37 21.45 3.17
C LYS B 52 -7.44 22.90 2.68
N LEU B 53 -6.43 23.72 3.02
CA LEU B 53 -6.29 25.12 2.62
C LEU B 53 -6.04 25.21 1.11
N ARG B 54 -5.21 24.31 0.57
CA ARG B 54 -4.88 24.22 -0.86
C ARG B 54 -6.12 23.85 -1.69
N ASP B 55 -6.92 22.88 -1.21
CA ASP B 55 -8.16 22.44 -1.86
C ASP B 55 -9.22 23.55 -1.80
N ALA B 56 -9.27 24.33 -0.71
CA ALA B 56 -10.19 25.45 -0.53
C ALA B 56 -9.82 26.60 -1.47
N LYS B 57 -8.52 26.86 -1.67
CA LYS B 57 -8.00 27.89 -2.57
C LYS B 57 -8.35 27.52 -4.03
N GLN B 58 -8.26 26.21 -4.36
CA GLN B 58 -8.57 25.65 -5.68
C GLN B 58 -10.06 25.78 -6.00
N ASP B 59 -10.96 25.51 -5.02
CA ASP B 59 -12.42 25.62 -5.17
C ASP B 59 -12.86 27.07 -5.35
N SER B 60 -12.24 28.01 -4.59
CA SER B 60 -12.49 29.45 -4.62
C SER B 60 -12.11 30.06 -5.98
N THR B 61 -11.03 29.54 -6.61
CA THR B 61 -10.53 29.97 -7.92
C THR B 61 -11.51 29.48 -9.03
N LYS B 62 -12.00 28.24 -8.89
CA LYS B 62 -12.93 27.52 -9.76
C LYS B 62 -14.32 28.17 -9.70
N ASN B 63 -14.79 28.51 -8.49
CA ASN B 63 -16.10 29.13 -8.26
C ASN B 63 -16.04 30.06 -7.03
N GLY B 64 -16.05 31.36 -7.28
CA GLY B 64 -15.97 32.39 -6.24
C GLY B 64 -17.27 32.83 -5.62
N THR B 65 -18.14 31.87 -5.23
CA THR B 65 -19.42 32.17 -4.59
C THR B 65 -19.17 32.64 -3.15
N PRO B 66 -20.03 33.49 -2.54
CA PRO B 66 -19.79 33.94 -1.15
C PRO B 66 -19.70 32.76 -0.16
N GLU B 67 -20.40 31.66 -0.49
CA GLU B 67 -20.42 30.41 0.26
C GLU B 67 -19.06 29.70 0.13
N ILE B 68 -18.39 29.78 -1.06
CA ILE B 68 -17.10 29.12 -1.26
C ILE B 68 -15.92 30.05 -0.85
N LYS B 69 -16.03 31.38 -1.02
CA LYS B 69 -14.97 32.33 -0.60
C LYS B 69 -14.82 32.39 0.93
N GLN B 70 -15.92 32.11 1.66
CA GLN B 70 -15.99 32.05 3.12
C GLN B 70 -15.27 30.82 3.66
N LYS B 71 -15.27 29.72 2.88
CA LYS B 71 -14.63 28.44 3.21
C LYS B 71 -13.11 28.54 3.18
N TYR B 72 -12.52 29.27 2.19
CA TYR B 72 -11.07 29.47 2.06
C TYR B 72 -10.52 30.30 3.24
N ASP B 73 -11.21 31.41 3.58
CA ASP B 73 -10.86 32.35 4.65
C ASP B 73 -10.79 31.65 6.01
N LYS B 74 -11.76 30.73 6.25
CA LYS B 74 -11.91 29.90 7.46
C LYS B 74 -10.79 28.85 7.53
N ALA B 75 -10.47 28.23 6.37
CA ALA B 75 -9.42 27.21 6.19
C ALA B 75 -8.03 27.81 6.41
N TYR B 76 -7.80 29.07 5.96
CA TYR B 76 -6.54 29.79 6.13
C TYR B 76 -6.30 30.15 7.60
N GLU B 77 -7.34 30.62 8.31
CA GLU B 77 -7.21 31.03 9.73
C GLU B 77 -7.00 29.81 10.66
N LYS B 78 -7.58 28.64 10.31
CA LYS B 78 -7.42 27.39 11.04
C LYS B 78 -5.97 26.91 10.96
N THR B 79 -5.34 27.05 9.76
CA THR B 79 -3.93 26.69 9.53
C THR B 79 -3.03 27.68 10.31
N LYS B 80 -3.35 28.99 10.22
CA LYS B 80 -2.64 30.10 10.87
C LYS B 80 -2.57 29.88 12.38
N ALA B 81 -3.73 29.61 13.01
CA ALA B 81 -3.88 29.38 14.44
C ALA B 81 -3.09 28.17 14.92
N ALA B 82 -3.18 27.04 14.18
CA ALA B 82 -2.49 25.78 14.49
C ALA B 82 -0.96 25.95 14.46
N ALA B 83 -0.43 26.65 13.43
CA ALA B 83 1.00 26.91 13.25
C ALA B 83 1.52 27.87 14.33
N GLU B 84 0.73 28.92 14.66
CA GLU B 84 1.08 29.92 15.67
C GLU B 84 1.12 29.34 17.09
N LYS B 85 0.23 28.37 17.39
CA LYS B 85 0.09 27.72 18.70
C LYS B 85 1.34 26.93 19.07
N LEU B 86 2.02 26.37 18.07
CA LEU B 86 3.21 25.53 18.25
C LEU B 86 4.46 26.37 18.64
N VAL B 87 4.40 27.73 18.48
CA VAL B 87 5.52 28.63 18.80
C VAL B 87 5.04 29.79 19.74
N SER B 88 3.80 29.69 20.30
CA SER B 88 3.26 30.72 21.21
C SER B 88 4.17 30.89 22.44
N GLU B 89 4.55 32.16 22.76
CA GLU B 89 5.43 32.52 23.89
C GLU B 89 4.97 31.87 25.20
N GLU B 90 3.64 31.78 25.39
CA GLU B 90 2.97 31.19 26.56
C GLU B 90 3.24 29.67 26.68
N SER B 91 3.53 28.97 25.56
CA SER B 91 3.83 27.54 25.54
C SER B 91 5.35 27.27 25.72
N LEU B 92 6.22 28.27 25.49
CA LEU B 92 7.68 28.14 25.57
C LEU B 92 8.29 28.58 26.93
N THR B 93 7.44 29.00 27.89
CA THR B 93 7.91 29.40 29.23
C THR B 93 8.34 28.14 30.00
N ARG B 94 9.35 28.25 30.89
CA ARG B 94 9.83 27.11 31.68
C ARG B 94 8.67 26.46 32.44
N ASP B 95 7.75 27.29 32.96
CA ASP B 95 6.55 26.88 33.70
C ASP B 95 5.65 25.99 32.84
N ALA B 96 5.33 26.43 31.60
CA ALA B 96 4.48 25.70 30.64
C ALA B 96 5.13 24.43 30.12
N LEU B 97 6.48 24.42 29.96
CA LEU B 97 7.25 23.25 29.49
C LEU B 97 7.25 22.14 30.57
N LEU B 98 7.09 22.51 31.85
CA LEU B 98 7.06 21.55 32.97
C LEU B 98 5.70 20.86 33.06
N GLU B 99 4.63 21.44 32.46
CA GLU B 99 3.26 20.85 32.44
C GLU B 99 3.18 19.71 31.40
N LEU B 100 4.13 19.70 30.46
CA LEU B 100 4.25 18.77 29.36
C LEU B 100 4.84 17.43 29.81
N THR B 101 4.27 16.34 29.25
CA THR B 101 4.74 14.96 29.44
C THR B 101 6.05 14.84 28.67
N GLU B 102 6.91 13.88 29.05
CA GLU B 102 8.18 13.63 28.37
C GLU B 102 7.98 13.55 26.83
N GLU B 103 6.89 12.90 26.39
CA GLU B 103 6.46 12.75 24.99
C GLU B 103 6.24 14.11 24.37
N GLN B 104 5.28 14.89 24.93
CA GLN B 104 4.85 16.22 24.48
C GLN B 104 6.03 17.20 24.39
N TYR B 105 6.91 17.15 25.41
CA TYR B 105 8.12 17.95 25.53
C TYR B 105 9.06 17.63 24.38
N VAL B 106 9.26 16.34 24.07
CA VAL B 106 10.10 15.83 22.99
C VAL B 106 9.44 16.16 21.62
N GLU B 107 8.08 16.07 21.54
CA GLU B 107 7.31 16.37 20.33
C GLU B 107 7.38 17.86 19.98
N LYS B 108 7.40 18.74 20.99
CA LYS B 108 7.52 20.18 20.80
C LYS B 108 8.95 20.55 20.36
N ALA B 109 9.97 19.96 21.00
CA ALA B 109 11.37 20.18 20.66
C ALA B 109 11.73 19.68 19.27
N ALA B 110 10.99 18.65 18.78
CA ALA B 110 11.20 18.00 17.49
C ALA B 110 11.03 18.99 16.35
N LEU B 111 10.25 20.03 16.62
CA LEU B 111 9.93 21.09 15.68
C LEU B 111 11.11 22.05 15.45
N PHE B 112 12.10 22.08 16.38
CA PHE B 112 13.22 23.03 16.33
C PHE B 112 14.64 22.38 16.28
N ASP B 113 14.74 21.03 16.40
CA ASP B 113 16.02 20.32 16.36
C ASP B 113 15.94 19.05 15.50
N LYS B 114 16.92 18.92 14.58
CA LYS B 114 17.09 17.84 13.59
C LYS B 114 17.23 16.47 14.25
N ASP B 115 18.12 16.36 15.25
CA ASP B 115 18.43 15.12 15.94
C ASP B 115 17.28 14.70 16.85
N VAL B 116 16.58 15.67 17.47
CA VAL B 116 15.39 15.41 18.31
C VAL B 116 14.27 14.84 17.41
N TYR B 117 14.14 15.37 16.18
CA TYR B 117 13.16 14.93 15.19
C TYR B 117 13.41 13.46 14.81
N ARG B 118 14.67 13.10 14.47
CA ARG B 118 15.06 11.73 14.10
C ARG B 118 14.81 10.78 15.28
N ASN B 119 15.27 11.14 16.50
CA ASN B 119 15.11 10.33 17.69
C ASN B 119 13.63 10.15 18.06
N ASN B 120 12.81 11.21 17.88
CA ASN B 120 11.37 11.18 18.12
C ASN B 120 10.68 10.17 17.16
N LEU B 121 11.12 10.13 15.91
CA LEU B 121 10.60 9.25 14.88
C LEU B 121 10.90 7.78 15.20
N GLN B 122 12.13 7.52 15.68
CA GLN B 122 12.59 6.18 16.06
C GLN B 122 11.76 5.66 17.22
N ARG B 123 11.64 6.50 18.26
CA ARG B 123 10.87 6.25 19.48
C ARG B 123 9.42 5.87 19.11
N GLN B 124 8.81 6.62 18.20
CA GLN B 124 7.43 6.40 17.75
C GLN B 124 7.26 5.07 17.01
N THR B 125 8.28 4.64 16.23
CA THR B 125 8.25 3.38 15.49
C THR B 125 8.39 2.22 16.48
N TYR B 126 9.42 2.27 17.38
CA TYR B 126 9.67 1.21 18.36
C TYR B 126 8.51 1.04 19.32
N GLU B 127 7.84 2.16 19.73
CA GLU B 127 6.67 2.14 20.61
C GLU B 127 5.47 1.53 19.92
N ARG B 128 5.27 1.85 18.65
CA ARG B 128 4.19 1.29 17.82
C ARG B 128 4.36 -0.21 17.69
N LEU B 129 5.57 -0.67 17.39
CA LEU B 129 5.91 -2.09 17.25
C LEU B 129 5.84 -2.82 18.60
N LEU B 130 6.11 -2.13 19.73
CA LEU B 130 5.96 -2.72 21.05
C LEU B 130 4.49 -3.09 21.28
N ARG B 131 3.57 -2.20 20.89
CA ARG B 131 2.14 -2.38 20.98
C ARG B 131 1.62 -3.44 19.99
N SER B 132 2.01 -3.35 18.70
CA SER B 132 1.47 -4.29 17.72
C SER B 132 2.04 -5.73 17.91
N GLU B 133 3.27 -5.86 18.41
CA GLU B 133 3.87 -7.17 18.64
C GLU B 133 3.32 -7.81 19.91
N THR B 134 2.89 -7.01 20.89
CA THR B 134 2.19 -7.53 22.07
C THR B 134 0.83 -8.14 21.60
N ASP B 135 0.16 -7.48 20.63
CA ASP B 135 -1.11 -7.93 20.07
C ASP B 135 -0.95 -9.24 19.28
N VAL B 136 0.01 -9.30 18.39
CA VAL B 136 0.32 -10.49 17.58
C VAL B 136 0.63 -11.70 18.49
N SER B 137 1.51 -11.50 19.49
CA SER B 137 1.88 -12.57 20.43
C SER B 137 0.73 -13.02 21.28
N TYR B 138 -0.02 -12.06 21.87
CA TYR B 138 -1.16 -12.38 22.70
C TYR B 138 -2.13 -13.23 21.92
N ARG B 139 -2.43 -12.84 20.69
CA ARG B 139 -3.40 -13.58 19.87
C ARG B 139 -2.91 -14.98 19.53
N GLU B 140 -1.62 -15.16 19.34
CA GLU B 140 -1.01 -16.45 19.05
C GLU B 140 -1.01 -17.35 20.28
N VAL B 141 -0.53 -16.84 21.41
CA VAL B 141 -0.47 -17.54 22.70
C VAL B 141 -1.87 -17.86 23.24
N ALA B 142 -2.87 -16.94 23.06
CA ALA B 142 -4.26 -17.17 23.49
C ALA B 142 -4.90 -18.30 22.69
N ARG B 143 -4.56 -18.38 21.38
CA ARG B 143 -5.09 -19.43 20.50
C ARG B 143 -4.61 -20.80 20.98
N THR B 144 -3.32 -20.91 21.33
CA THR B 144 -2.69 -22.14 21.83
C THR B 144 -3.23 -22.46 23.24
N PHE B 145 -3.44 -21.42 24.09
CA PHE B 145 -3.97 -21.59 25.45
C PHE B 145 -5.38 -22.19 25.43
N ILE B 146 -6.28 -21.61 24.60
CA ILE B 146 -7.67 -22.08 24.46
C ILE B 146 -7.70 -23.51 23.94
N ALA B 147 -6.83 -23.83 23.00
CA ALA B 147 -6.71 -25.16 22.39
C ALA B 147 -6.37 -26.24 23.43
N ARG B 148 -5.49 -25.91 24.37
CA ARG B 148 -4.99 -26.87 25.38
C ARG B 148 -5.66 -26.76 26.75
N GLU B 149 -6.31 -25.61 27.06
CA GLU B 149 -6.90 -25.39 28.38
C GLU B 149 -8.35 -24.99 28.36
N GLY B 150 -8.88 -24.57 27.20
CA GLY B 150 -10.26 -24.15 27.09
C GLY B 150 -10.45 -22.66 27.25
N GLU B 151 -11.53 -22.17 26.69
CA GLU B 151 -11.85 -20.76 26.67
C GLU B 151 -12.29 -20.29 28.07
N PRO B 152 -13.05 -21.07 28.91
CA PRO B 152 -13.36 -20.59 30.27
C PRO B 152 -12.10 -20.33 31.12
N ALA B 153 -11.06 -21.19 30.95
CA ALA B 153 -9.78 -21.06 31.66
C ALA B 153 -9.07 -19.73 31.34
N LEU B 154 -9.09 -19.29 30.05
CA LEU B 154 -8.52 -18.01 29.63
C LEU B 154 -9.32 -16.85 30.19
N ASN B 155 -10.63 -16.93 30.06
CA ASN B 155 -11.54 -15.89 30.51
C ASN B 155 -11.39 -15.60 31.97
N ALA B 156 -11.13 -16.63 32.78
CA ALA B 156 -10.96 -16.46 34.23
C ALA B 156 -9.65 -15.69 34.52
N LYS B 157 -8.56 -16.01 33.78
CA LYS B 157 -7.22 -15.38 33.89
C LYS B 157 -7.28 -13.90 33.50
N ILE B 158 -7.95 -13.61 32.37
CA ILE B 158 -8.11 -12.26 31.84
C ILE B 158 -8.97 -11.44 32.79
N GLU B 159 -10.04 -12.04 33.36
CA GLU B 159 -10.94 -11.38 34.31
C GLU B 159 -10.18 -10.97 35.57
N ARG B 160 -9.40 -11.86 36.19
CA ARG B 160 -8.60 -11.56 37.38
C ARG B 160 -7.63 -10.40 37.09
N LEU B 161 -7.01 -10.39 35.88
CA LEU B 161 -6.08 -9.34 35.44
C LEU B 161 -6.81 -8.01 35.24
N ALA B 162 -8.00 -8.04 34.61
CA ALA B 162 -8.82 -6.85 34.37
C ALA B 162 -9.36 -6.29 35.66
N LEU B 163 -9.52 -7.15 36.66
CA LEU B 163 -10.03 -6.78 37.97
C LEU B 163 -8.97 -6.11 38.81
N THR B 164 -7.71 -6.59 38.76
CA THR B 164 -6.62 -5.95 39.52
C THR B 164 -6.36 -4.54 38.94
N LEU B 165 -6.53 -4.36 37.61
CA LEU B 165 -6.34 -3.11 36.88
C LEU B 165 -7.50 -2.10 37.11
N GLU B 166 -8.77 -2.54 37.01
CA GLU B 166 -9.97 -1.70 37.18
C GLU B 166 -10.18 -1.23 38.65
N ASN B 167 -9.64 -1.99 39.64
CA ASN B 167 -9.74 -1.68 41.08
C ASN B 167 -9.03 -0.34 41.47
N ASN B 168 -8.23 0.23 40.54
CA ASN B 168 -7.51 1.49 40.74
C ASN B 168 -7.64 2.39 39.51
N LEU B 175 -10.65 -2.37 29.88
CA LEU B 175 -9.87 -1.14 30.08
C LEU B 175 -8.68 -1.10 29.07
N ASP B 176 -7.42 -1.17 29.56
CA ASP B 176 -6.25 -1.13 28.71
C ASP B 176 -5.93 -2.55 28.27
N TYR B 177 -6.29 -2.86 27.02
CA TYR B 177 -6.08 -4.15 26.39
C TYR B 177 -4.62 -4.55 26.42
N LEU B 178 -3.74 -3.68 25.90
CA LEU B 178 -2.31 -4.01 25.80
C LEU B 178 -1.67 -4.19 27.13
N ALA B 179 -2.14 -3.47 28.14
CA ALA B 179 -1.63 -3.61 29.48
C ALA B 179 -1.96 -5.00 30.00
N ILE B 180 -3.25 -5.46 29.85
CA ILE B 180 -3.78 -6.78 30.25
C ILE B 180 -3.04 -7.87 29.46
N ALA B 181 -2.93 -7.70 28.11
CA ALA B 181 -2.25 -8.66 27.21
C ALA B 181 -0.80 -8.87 27.60
N ALA B 182 -0.06 -7.79 27.91
CA ALA B 182 1.35 -7.85 28.30
C ALA B 182 1.52 -8.60 29.61
N ASP B 183 0.67 -8.33 30.60
CA ASP B 183 0.65 -8.96 31.92
C ASP B 183 0.35 -10.45 31.81
N PHE B 184 -0.57 -10.83 30.92
CA PHE B 184 -0.87 -12.22 30.65
C PHE B 184 0.38 -12.94 30.07
N LEU B 185 1.00 -12.37 29.02
CA LEU B 185 2.20 -12.93 28.39
C LEU B 185 3.38 -13.04 29.37
N LYS B 186 3.57 -12.00 30.21
CA LYS B 186 4.62 -11.98 31.23
C LYS B 186 4.42 -13.09 32.26
N ASN B 187 3.21 -13.21 32.84
CA ASN B 187 2.89 -14.24 33.82
C ASN B 187 3.08 -15.64 33.27
N GLN B 188 2.65 -15.86 32.01
CA GLN B 188 2.75 -17.17 31.36
C GLN B 188 4.19 -17.51 31.03
N ALA B 189 5.01 -16.52 30.63
CA ALA B 189 6.43 -16.70 30.34
C ALA B 189 7.19 -17.12 31.61
N ASN B 190 6.79 -16.55 32.76
CA ASN B 190 7.40 -16.86 34.06
C ASN B 190 7.03 -18.24 34.53
N LEU B 191 5.81 -18.70 34.19
CA LEU B 191 5.34 -20.02 34.55
C LEU B 191 5.88 -21.10 33.62
N HIS B 192 6.09 -20.78 32.33
CA HIS B 192 6.50 -21.76 31.33
C HIS B 192 7.73 -21.24 30.56
N ALA B 193 8.90 -21.49 31.16
CA ALA B 193 10.21 -21.06 30.66
C ALA B 193 10.68 -21.82 29.40
N ASP B 194 10.03 -22.94 29.08
CA ASP B 194 10.41 -23.79 27.95
C ASP B 194 9.51 -23.63 26.71
N ASP B 195 8.49 -22.74 26.75
CA ASP B 195 7.62 -22.51 25.60
C ASP B 195 8.37 -21.60 24.60
N PRO B 196 8.63 -22.07 23.34
CA PRO B 196 9.43 -21.26 22.40
C PRO B 196 8.74 -19.94 21.98
N GLU B 197 7.41 -19.95 21.83
CA GLU B 197 6.61 -18.76 21.46
C GLU B 197 6.67 -17.69 22.55
N LEU B 198 6.58 -18.09 23.84
CA LEU B 198 6.65 -17.15 24.97
C LEU B 198 8.10 -16.63 25.17
N ASN B 199 9.10 -17.50 24.94
CA ASN B 199 10.53 -17.14 25.04
C ASN B 199 10.89 -16.13 23.95
N LEU B 200 10.32 -16.30 22.74
CA LEU B 200 10.55 -15.39 21.62
C LEU B 200 9.94 -14.02 21.91
N TYR B 201 8.70 -13.96 22.44
CA TYR B 201 8.06 -12.70 22.81
C TYR B 201 8.90 -11.96 23.84
N LYS B 202 9.31 -12.66 24.92
CA LYS B 202 10.12 -12.12 26.00
C LYS B 202 11.42 -11.50 25.44
N ALA B 203 12.16 -12.26 24.61
CA ALA B 203 13.43 -11.84 24.01
C ALA B 203 13.26 -10.64 23.06
N GLU B 204 12.26 -10.70 22.20
CA GLU B 204 11.98 -9.65 21.23
C GLU B 204 11.51 -8.35 21.88
N THR B 205 10.74 -8.45 22.98
CA THR B 205 10.26 -7.29 23.75
C THR B 205 11.44 -6.61 24.42
N LYS B 206 12.35 -7.39 25.08
CA LYS B 206 13.54 -6.83 25.73
C LYS B 206 14.39 -6.03 24.74
N ALA B 207 14.70 -6.64 23.58
CA ALA B 207 15.51 -6.00 22.50
C ALA B 207 14.86 -4.70 22.00
N ARG B 208 13.51 -4.69 21.83
CA ARG B 208 12.77 -3.52 21.35
C ARG B 208 12.69 -2.43 22.43
N GLU B 209 12.47 -2.82 23.71
CA GLU B 209 12.42 -1.88 24.85
C GLU B 209 13.77 -1.13 24.98
N ILE B 210 14.91 -1.85 24.82
CA ILE B 210 16.26 -1.28 24.82
C ILE B 210 16.35 -0.19 23.76
N LYS B 211 15.96 -0.51 22.51
CA LYS B 211 15.92 0.42 21.36
C LYS B 211 15.01 1.63 21.62
N ALA B 212 13.81 1.40 22.20
CA ALA B 212 12.81 2.45 22.51
C ALA B 212 13.30 3.40 23.60
N ASN B 213 13.95 2.87 24.65
CA ASN B 213 14.49 3.64 25.77
C ASN B 213 15.64 4.53 25.30
N ARG B 214 16.57 3.96 24.51
CA ARG B 214 17.71 4.71 23.97
C ARG B 214 17.21 5.89 23.12
N ALA B 215 16.23 5.66 22.22
CA ALA B 215 15.68 6.70 21.35
C ALA B 215 15.05 7.85 22.14
N MET B 216 14.30 7.55 23.20
CA MET B 216 13.63 8.53 24.06
C MET B 216 14.62 9.28 24.97
N LYS B 217 15.71 8.61 25.41
CA LYS B 217 16.78 9.21 26.23
C LYS B 217 17.53 10.26 25.40
N GLU B 218 17.94 9.88 24.18
CA GLU B 218 18.67 10.74 23.25
C GLU B 218 17.81 11.94 22.84
N ALA B 219 16.48 11.74 22.72
CA ALA B 219 15.53 12.78 22.34
C ALA B 219 15.34 13.77 23.46
N LEU B 220 15.26 13.28 24.73
CA LEU B 220 15.10 14.11 25.92
C LEU B 220 16.35 14.95 26.16
N GLU B 221 17.54 14.37 25.92
CA GLU B 221 18.82 15.05 26.08
C GLU B 221 18.93 16.23 25.12
N GLY B 222 18.57 16.02 23.86
CA GLY B 222 18.54 17.05 22.83
C GLY B 222 17.48 18.11 23.10
N ALA B 223 16.30 17.68 23.63
CA ALA B 223 15.15 18.56 23.99
C ALA B 223 15.54 19.50 25.13
N ASP B 224 16.35 19.01 26.09
CA ASP B 224 16.89 19.74 27.23
C ASP B 224 17.88 20.78 26.74
N LYS B 225 18.83 20.39 25.86
CA LYS B 225 19.88 21.21 25.26
C LYS B 225 19.30 22.33 24.36
N LEU B 226 18.09 22.10 23.79
CA LEU B 226 17.34 23.06 22.94
C LEU B 226 16.66 24.12 23.80
N PHE B 227 15.79 23.70 24.76
CA PHE B 227 15.09 24.63 25.63
C PHE B 227 16.05 25.26 26.68
N GLU B 228 17.30 24.76 26.75
CA GLU B 228 18.37 25.29 27.60
C GLU B 228 18.92 26.59 26.94
N ARG B 229 18.84 26.67 25.59
CA ARG B 229 19.28 27.82 24.80
C ARG B 229 18.13 28.85 24.65
N ASN B 230 17.98 29.73 25.68
CA ASN B 230 16.96 30.77 25.73
C ASN B 230 17.47 32.05 26.42
N SER C 1 -11.98 -13.07 28.79
CA SER C 1 -12.16 -12.32 27.57
C SER C 1 -11.41 -12.85 26.45
N ASN C 2 -11.83 -12.35 25.28
CA ASN C 2 -11.45 -12.73 23.97
C ASN C 2 -9.97 -13.11 23.78
N ALA C 3 -9.83 -14.16 23.01
CA ALA C 3 -8.58 -14.65 22.51
C ALA C 3 -8.29 -13.93 21.20
N GLN C 4 -9.35 -13.37 20.61
CA GLN C 4 -9.41 -12.57 19.38
C GLN C 4 -10.11 -11.24 19.68
N PRO C 5 -9.45 -10.26 20.39
CA PRO C 5 -10.18 -9.03 20.79
C PRO C 5 -10.78 -8.27 19.62
N GLU C 6 -12.00 -7.81 19.81
CA GLU C 6 -12.71 -7.04 18.81
C GLU C 6 -12.09 -5.63 18.77
N PHE C 7 -11.96 -5.05 17.55
CA PHE C 7 -11.39 -3.70 17.36
C PHE C 7 -12.41 -2.65 17.82
N ASP C 8 -12.00 -1.65 18.61
CA ASP C 8 -12.92 -0.60 19.04
C ASP C 8 -13.16 0.37 17.86
N ARG C 9 -14.27 0.16 17.15
CA ARG C 9 -14.69 0.90 15.95
C ARG C 9 -15.23 2.28 16.21
N GLY C 10 -15.76 2.51 17.42
CA GLY C 10 -16.43 3.75 17.78
C GLY C 10 -17.76 3.81 17.06
N PHE C 11 -18.07 4.93 16.39
CA PHE C 11 -19.32 5.07 15.64
C PHE C 11 -19.23 4.52 14.21
N LEU C 12 -18.10 3.93 13.82
CA LEU C 12 -17.95 3.37 12.47
C LEU C 12 -18.52 1.95 12.46
N ARG C 13 -18.95 1.50 11.29
CA ARG C 13 -19.54 0.19 11.07
C ARG C 13 -18.46 -0.81 10.59
N PRO C 14 -18.67 -2.15 10.66
CA PRO C 14 -17.64 -3.07 10.16
C PRO C 14 -17.34 -2.86 8.68
N PHE C 15 -16.10 -3.18 8.25
CA PHE C 15 -15.69 -3.01 6.86
C PHE C 15 -16.61 -3.81 5.93
N GLY C 16 -17.06 -3.16 4.87
CA GLY C 16 -17.91 -3.74 3.83
C GLY C 16 -19.39 -3.80 4.13
N ALA C 17 -19.81 -3.39 5.35
CA ALA C 17 -21.21 -3.39 5.77
C ALA C 17 -22.07 -2.62 4.76
N LYS C 18 -23.21 -3.23 4.33
CA LYS C 18 -24.15 -2.62 3.40
C LYS C 18 -24.64 -1.33 4.01
N MET C 19 -24.52 -0.23 3.26
CA MET C 19 -24.91 1.09 3.74
C MET C 19 -26.43 1.18 3.88
N LYS C 20 -26.88 2.02 4.82
CA LYS C 20 -28.29 2.24 5.09
C LYS C 20 -28.64 3.65 4.67
N PHE C 21 -29.51 3.80 3.65
CA PHE C 21 -29.93 5.11 3.14
C PHE C 21 -31.36 5.42 3.52
N LEU C 22 -31.58 6.66 3.99
CA LEU C 22 -32.87 7.18 4.41
C LEU C 22 -33.12 8.55 3.79
N LYS C 23 -34.39 8.94 3.63
CA LYS C 23 -34.76 10.26 3.10
C LYS C 23 -34.44 11.33 4.17
N PRO C 24 -34.09 12.59 3.77
CA PRO C 24 -33.68 13.60 4.78
C PRO C 24 -34.61 13.79 6.00
N ASP C 25 -35.93 13.60 5.84
CA ASP C 25 -36.90 13.75 6.94
C ASP C 25 -36.71 12.63 7.99
N GLN C 26 -36.44 11.40 7.53
CA GLN C 26 -36.21 10.21 8.36
C GLN C 26 -34.88 10.34 9.11
N VAL C 27 -33.87 10.98 8.48
CA VAL C 27 -32.53 11.20 9.06
C VAL C 27 -32.62 12.25 10.18
N GLN C 28 -33.52 13.26 10.02
CA GLN C 28 -33.78 14.32 11.00
C GLN C 28 -34.38 13.73 12.29
N LYS C 29 -35.09 12.60 12.16
CA LYS C 29 -35.77 11.88 13.24
C LYS C 29 -34.83 10.92 14.01
N LEU C 30 -33.58 10.72 13.54
CA LEU C 30 -32.60 9.84 14.19
C LEU C 30 -32.03 10.44 15.46
N SER C 31 -31.57 9.57 16.39
CA SER C 31 -30.91 9.98 17.62
C SER C 31 -29.53 10.54 17.25
N THR C 32 -28.92 11.35 18.15
CA THR C 32 -27.60 11.94 17.90
C THR C 32 -26.56 10.84 17.61
N ASP C 33 -26.61 9.71 18.33
CA ASP C 33 -25.71 8.57 18.15
C ASP C 33 -25.96 7.86 16.83
N ASP C 34 -27.24 7.67 16.44
CA ASP C 34 -27.63 7.02 15.17
C ASP C 34 -27.31 7.88 13.97
N LEU C 35 -27.38 9.23 14.13
CA LEU C 35 -27.08 10.20 13.08
C LEU C 35 -25.59 10.21 12.80
N ILE C 36 -24.74 10.15 13.86
CA ILE C 36 -23.28 10.11 13.73
C ILE C 36 -22.91 8.84 12.94
N THR C 37 -23.49 7.69 13.32
CA THR C 37 -23.28 6.40 12.64
C THR C 37 -23.69 6.51 11.16
N TYR C 38 -24.85 7.12 10.88
CA TYR C 38 -25.38 7.35 9.52
C TYR C 38 -24.43 8.17 8.65
N MET C 39 -23.94 9.31 9.18
CA MET C 39 -23.12 10.29 8.48
C MET C 39 -21.65 9.90 8.40
N ALA C 40 -21.10 9.18 9.43
CA ALA C 40 -19.70 8.76 9.38
C ALA C 40 -19.48 7.65 8.33
N GLU C 41 -20.55 6.94 7.95
CA GLU C 41 -20.56 5.87 6.95
C GLU C 41 -20.53 6.43 5.51
N LYS C 42 -21.09 7.64 5.31
CA LYS C 42 -21.24 8.29 4.00
C LYS C 42 -20.32 9.51 3.78
N ASP C 43 -19.95 10.24 4.85
CA ASP C 43 -19.15 11.47 4.77
C ASP C 43 -17.81 11.28 5.45
N LYS C 44 -16.72 11.59 4.73
CA LYS C 44 -15.37 11.40 5.23
C LYS C 44 -14.97 12.41 6.32
N ASN C 45 -15.58 13.60 6.34
CA ASN C 45 -15.27 14.60 7.38
C ASN C 45 -15.83 14.12 8.74
N VAL C 46 -17.10 13.64 8.76
CA VAL C 46 -17.77 13.11 9.96
C VAL C 46 -17.02 11.84 10.42
N ARG C 47 -16.53 11.02 9.47
CA ARG C 47 -15.75 9.82 9.73
C ARG C 47 -14.43 10.14 10.43
N ASP C 48 -13.67 11.11 9.89
CA ASP C 48 -12.36 11.54 10.43
C ASP C 48 -12.52 12.11 11.83
N LEU C 49 -13.66 12.82 12.09
CA LEU C 49 -13.99 13.38 13.39
C LEU C 49 -14.39 12.27 14.36
N ALA C 50 -15.12 11.24 13.88
CA ALA C 50 -15.55 10.10 14.69
C ALA C 50 -14.33 9.26 15.15
N ILE C 51 -13.26 9.21 14.31
CA ILE C 51 -12.01 8.52 14.63
C ILE C 51 -11.30 9.34 15.74
N LYS C 52 -11.32 10.68 15.62
CA LYS C 52 -10.74 11.60 16.61
C LYS C 52 -11.51 11.49 17.94
N LEU C 53 -12.84 11.29 17.85
CA LEU C 53 -13.75 11.09 19.00
C LEU C 53 -13.45 9.75 19.69
N ARG C 54 -13.14 8.73 18.89
CA ARG C 54 -12.79 7.39 19.34
C ARG C 54 -11.50 7.42 20.17
N ASP C 55 -10.45 8.10 19.65
CA ASP C 55 -9.16 8.27 20.31
C ASP C 55 -9.29 9.08 21.61
N ALA C 56 -10.19 10.09 21.63
CA ALA C 56 -10.48 10.92 22.80
C ALA C 56 -11.20 10.09 23.89
N LYS C 57 -12.13 9.20 23.48
CA LYS C 57 -12.87 8.29 24.37
C LYS C 57 -11.90 7.28 25.01
N GLN C 58 -10.90 6.82 24.23
CA GLN C 58 -9.87 5.88 24.67
C GLN C 58 -8.95 6.50 25.73
N ASP C 59 -8.53 7.78 25.52
CA ASP C 59 -7.66 8.53 26.43
C ASP C 59 -8.38 8.80 27.77
N SER C 60 -9.68 9.16 27.70
CA SER C 60 -10.57 9.45 28.82
C SER C 60 -10.81 8.21 29.71
N THR C 61 -10.87 7.01 29.10
CA THR C 61 -11.06 5.73 29.78
C THR C 61 -9.78 5.36 30.52
N GLU C 67 -9.16 14.31 34.07
CA GLU C 67 -9.11 15.72 33.68
C GLU C 67 -9.25 15.90 32.14
N ILE C 68 -8.82 14.86 31.37
CA ILE C 68 -8.86 14.72 29.90
C ILE C 68 -10.34 14.51 29.43
N LYS C 69 -11.29 14.57 30.39
CA LYS C 69 -12.73 14.45 30.16
C LYS C 69 -13.23 15.65 29.35
N GLN C 70 -12.54 16.81 29.43
CA GLN C 70 -12.87 18.04 28.70
C GLN C 70 -12.58 17.87 27.20
N LYS C 71 -11.54 17.07 26.86
CA LYS C 71 -11.10 16.80 25.48
C LYS C 71 -12.12 15.95 24.71
N TYR C 72 -12.70 14.92 25.37
CA TYR C 72 -13.69 14.01 24.78
C TYR C 72 -15.00 14.76 24.47
N ASP C 73 -15.48 15.58 25.42
CA ASP C 73 -16.71 16.37 25.32
C ASP C 73 -16.70 17.33 24.12
N LYS C 74 -15.56 18.00 23.85
CA LYS C 74 -15.47 18.92 22.71
C LYS C 74 -15.28 18.14 21.39
N ALA C 75 -14.64 16.93 21.43
CA ALA C 75 -14.50 16.05 20.27
C ALA C 75 -15.86 15.48 19.84
N TYR C 76 -16.73 15.19 20.83
CA TYR C 76 -18.09 14.67 20.60
C TYR C 76 -19.00 15.75 19.99
N GLU C 77 -18.92 17.00 20.47
CA GLU C 77 -19.76 18.11 19.98
C GLU C 77 -19.37 18.52 18.56
N LYS C 78 -18.07 18.41 18.20
CA LYS C 78 -17.57 18.70 16.85
C LYS C 78 -18.14 17.71 15.84
N THR C 79 -18.26 16.41 16.25
CA THR C 79 -18.80 15.29 15.47
C THR C 79 -20.33 15.48 15.31
N LYS C 80 -21.00 15.89 16.40
CA LYS C 80 -22.44 16.15 16.50
C LYS C 80 -22.85 17.27 15.53
N ALA C 81 -22.13 18.41 15.59
CA ALA C 81 -22.36 19.61 14.76
C ALA C 81 -22.19 19.30 13.28
N ALA C 82 -21.10 18.58 12.92
CA ALA C 82 -20.77 18.21 11.54
C ALA C 82 -21.86 17.33 10.91
N ALA C 83 -22.33 16.32 11.66
CA ALA C 83 -23.38 15.38 11.22
C ALA C 83 -24.74 16.08 11.10
N GLU C 84 -25.06 16.98 12.05
CA GLU C 84 -26.31 17.75 12.07
C GLU C 84 -26.39 18.74 10.91
N LYS C 85 -25.26 19.34 10.51
CA LYS C 85 -25.14 20.34 9.44
C LYS C 85 -25.51 19.77 8.08
N LEU C 86 -25.23 18.47 7.87
CA LEU C 86 -25.50 17.78 6.60
C LEU C 86 -27.01 17.50 6.37
N VAL C 87 -27.86 17.65 7.43
CA VAL C 87 -29.30 17.41 7.37
C VAL C 87 -30.10 18.64 7.93
N SER C 88 -29.40 19.78 8.21
CA SER C 88 -30.06 20.98 8.73
C SER C 88 -31.14 21.47 7.77
N GLU C 89 -32.37 21.72 8.30
CA GLU C 89 -33.56 22.20 7.56
C GLU C 89 -33.21 23.39 6.67
N GLU C 90 -32.30 24.26 7.15
CA GLU C 90 -31.76 25.44 6.50
C GLU C 90 -31.09 25.09 5.19
N SER C 91 -30.31 23.98 5.16
CA SER C 91 -29.55 23.51 3.99
C SER C 91 -30.42 22.74 2.96
N LEU C 92 -31.63 22.28 3.34
CA LEU C 92 -32.53 21.52 2.47
C LEU C 92 -33.61 22.40 1.78
N THR C 93 -33.61 23.74 2.04
CA THR C 93 -34.55 24.68 1.40
C THR C 93 -34.15 24.90 -0.06
N ARG C 94 -35.13 25.21 -0.92
CA ARG C 94 -34.91 25.48 -2.35
C ARG C 94 -33.84 26.57 -2.54
N ASP C 95 -33.88 27.62 -1.68
CA ASP C 95 -32.95 28.75 -1.64
C ASP C 95 -31.51 28.27 -1.41
N ALA C 96 -31.31 27.44 -0.37
CA ALA C 96 -30.00 26.90 -0.01
C ALA C 96 -29.46 25.90 -1.05
N LEU C 97 -30.34 25.10 -1.69
CA LEU C 97 -29.97 24.12 -2.73
C LEU C 97 -29.49 24.83 -4.02
N LEU C 98 -29.92 26.10 -4.22
CA LEU C 98 -29.54 26.94 -5.37
C LEU C 98 -28.12 27.52 -5.19
N GLU C 99 -27.62 27.60 -3.94
CA GLU C 99 -26.26 28.10 -3.62
C GLU C 99 -25.20 27.02 -3.92
N LEU C 100 -25.64 25.77 -4.06
CA LEU C 100 -24.82 24.60 -4.31
C LEU C 100 -24.49 24.43 -5.78
N THR C 101 -23.22 24.05 -6.05
CA THR C 101 -22.71 23.69 -7.38
C THR C 101 -23.28 22.32 -7.74
N GLU C 102 -23.26 21.94 -9.03
CA GLU C 102 -23.73 20.63 -9.47
C GLU C 102 -23.10 19.48 -8.64
N GLU C 103 -21.78 19.56 -8.36
CA GLU C 103 -21.03 18.55 -7.58
C GLU C 103 -21.48 18.52 -6.13
N GLN C 104 -21.63 19.70 -5.47
CA GLN C 104 -22.08 19.83 -4.08
C GLN C 104 -23.50 19.31 -3.90
N TYR C 105 -24.37 19.63 -4.85
CA TYR C 105 -25.77 19.22 -4.93
C TYR C 105 -25.84 17.69 -5.03
N VAL C 106 -25.03 17.08 -5.91
CA VAL C 106 -24.92 15.63 -6.12
C VAL C 106 -24.25 14.96 -4.88
N GLU C 107 -23.26 15.63 -4.26
CA GLU C 107 -22.56 15.14 -3.08
C GLU C 107 -23.50 15.15 -1.84
N LYS C 108 -24.42 16.13 -1.73
CA LYS C 108 -25.41 16.22 -0.65
C LYS C 108 -26.48 15.15 -0.84
N ALA C 109 -26.97 14.96 -2.07
CA ALA C 109 -27.99 13.95 -2.39
C ALA C 109 -27.45 12.53 -2.22
N ALA C 110 -26.14 12.32 -2.45
CA ALA C 110 -25.48 11.01 -2.31
C ALA C 110 -25.55 10.48 -0.87
N LEU C 111 -25.88 11.36 0.11
CA LEU C 111 -26.04 11.02 1.52
C LEU C 111 -27.39 10.34 1.80
N PHE C 112 -28.38 10.51 0.89
CA PHE C 112 -29.75 10.01 1.10
C PHE C 112 -30.23 9.04 0.00
N ASP C 113 -29.42 8.80 -1.05
CA ASP C 113 -29.78 7.91 -2.15
C ASP C 113 -28.60 7.02 -2.58
N LYS C 114 -28.87 5.71 -2.64
CA LYS C 114 -27.94 4.62 -2.99
C LYS C 114 -27.37 4.76 -4.40
N ASP C 115 -28.24 5.02 -5.38
CA ASP C 115 -27.88 5.14 -6.78
C ASP C 115 -27.10 6.42 -7.05
N VAL C 116 -27.44 7.53 -6.34
CA VAL C 116 -26.73 8.81 -6.46
C VAL C 116 -25.30 8.63 -5.90
N TYR C 117 -25.15 7.83 -4.81
CA TYR C 117 -23.88 7.52 -4.18
C TYR C 117 -22.98 6.76 -5.16
N ARG C 118 -23.50 5.69 -5.81
CA ARG C 118 -22.78 4.87 -6.78
C ARG C 118 -22.35 5.71 -7.98
N ASN C 119 -23.29 6.51 -8.55
CA ASN C 119 -23.04 7.37 -9.71
C ASN C 119 -21.99 8.45 -9.38
N ASN C 120 -22.05 9.02 -8.17
CA ASN C 120 -21.11 10.02 -7.70
C ASN C 120 -19.68 9.42 -7.60
N LEU C 121 -19.58 8.16 -7.15
CA LEU C 121 -18.31 7.43 -7.04
C LEU C 121 -17.69 7.15 -8.42
N GLN C 122 -18.51 6.77 -9.41
CA GLN C 122 -18.11 6.52 -10.81
C GLN C 122 -17.57 7.79 -11.44
N ARG C 123 -18.32 8.89 -11.25
CA ARG C 123 -17.99 10.23 -11.75
C ARG C 123 -16.60 10.64 -11.19
N GLN C 124 -16.38 10.42 -9.89
CA GLN C 124 -15.13 10.75 -9.21
C GLN C 124 -13.92 9.92 -9.75
N THR C 125 -14.15 8.65 -10.15
CA THR C 125 -13.11 7.78 -10.72
C THR C 125 -12.78 8.22 -12.16
N TYR C 126 -13.81 8.42 -13.02
CA TYR C 126 -13.62 8.84 -14.40
C TYR C 126 -12.97 10.21 -14.47
N GLU C 127 -13.31 11.15 -13.56
CA GLU C 127 -12.73 12.50 -13.50
C GLU C 127 -11.25 12.44 -13.08
N ARG C 128 -10.93 11.56 -12.12
CA ARG C 128 -9.57 11.36 -11.65
C ARG C 128 -8.69 10.82 -12.79
N LEU C 129 -9.20 9.82 -13.52
CA LEU C 129 -8.50 9.22 -14.65
C LEU C 129 -8.39 10.19 -15.83
N LEU C 130 -9.34 11.13 -15.98
CA LEU C 130 -9.26 12.15 -17.02
C LEU C 130 -8.03 13.02 -16.77
N ARG C 131 -7.81 13.41 -15.51
CA ARG C 131 -6.67 14.21 -15.06
C ARG C 131 -5.36 13.44 -15.14
N SER C 132 -5.30 12.22 -14.58
CA SER C 132 -4.04 11.49 -14.54
C SER C 132 -3.59 11.02 -15.94
N GLU C 133 -4.54 10.70 -16.84
CA GLU C 133 -4.19 10.28 -18.20
C GLU C 133 -3.74 11.46 -19.05
N THR C 134 -4.24 12.68 -18.76
CA THR C 134 -3.77 13.87 -19.47
C THR C 134 -2.29 14.12 -19.07
N ASP C 135 -1.93 13.86 -17.77
CA ASP C 135 -0.59 14.02 -17.24
C ASP C 135 0.37 13.02 -17.90
N VAL C 136 0.01 11.73 -17.93
CA VAL C 136 0.79 10.65 -18.52
C VAL C 136 1.08 10.96 -20.01
N SER C 137 0.03 11.32 -20.77
CA SER C 137 0.15 11.64 -22.20
C SER C 137 1.01 12.87 -22.43
N TYR C 138 0.74 13.97 -21.70
CA TYR C 138 1.52 15.20 -21.84
C TYR C 138 3.00 14.93 -21.64
N ARG C 139 3.37 14.22 -20.56
CA ARG C 139 4.76 13.89 -20.27
C ARG C 139 5.39 13.15 -21.45
N GLU C 140 4.66 12.14 -22.00
CA GLU C 140 5.12 11.29 -23.12
C GLU C 140 5.29 12.10 -24.40
N VAL C 141 4.25 12.87 -24.77
CA VAL C 141 4.21 13.69 -25.99
C VAL C 141 5.27 14.82 -25.90
N ALA C 142 5.47 15.43 -24.71
CA ALA C 142 6.48 16.49 -24.51
C ALA C 142 7.89 15.95 -24.70
N ARG C 143 8.16 14.69 -24.25
CA ARG C 143 9.44 13.98 -24.38
C ARG C 143 9.79 13.80 -25.85
N THR C 144 8.79 13.40 -26.66
CA THR C 144 8.94 13.18 -28.10
C THR C 144 9.07 14.53 -28.81
N PHE C 145 8.30 15.56 -28.38
CA PHE C 145 8.33 16.91 -28.97
C PHE C 145 9.70 17.54 -28.81
N ILE C 146 10.28 17.52 -27.59
CA ILE C 146 11.60 18.08 -27.29
C ILE C 146 12.70 17.36 -28.09
N ALA C 147 12.57 16.03 -28.24
CA ALA C 147 13.51 15.20 -28.99
C ALA C 147 13.59 15.61 -30.48
N ARG C 148 12.44 15.96 -31.08
CA ARG C 148 12.30 16.30 -32.49
C ARG C 148 12.26 17.81 -32.80
N GLU C 149 11.93 18.66 -31.82
CA GLU C 149 11.82 20.14 -31.94
C GLU C 149 12.47 20.72 -30.71
N GLY C 150 13.24 21.79 -30.74
CA GLY C 150 13.88 22.21 -29.48
C GLY C 150 12.99 22.43 -28.26
N GLU C 151 13.53 22.20 -27.01
CA GLU C 151 12.83 22.58 -25.77
C GLU C 151 12.33 24.06 -25.90
N PRO C 152 13.08 25.05 -26.50
CA PRO C 152 12.51 26.39 -26.67
C PRO C 152 11.22 26.41 -27.50
N ALA C 153 11.09 25.50 -28.50
CA ALA C 153 9.91 25.37 -29.35
C ALA C 153 8.69 24.96 -28.50
N LEU C 154 8.87 24.02 -27.54
CA LEU C 154 7.80 23.59 -26.62
C LEU C 154 7.45 24.71 -25.67
N ASN C 155 8.49 25.34 -25.07
CA ASN C 155 8.38 26.46 -24.12
C ASN C 155 7.59 27.61 -24.74
N ALA C 156 7.81 27.92 -26.03
CA ALA C 156 7.09 28.97 -26.76
C ALA C 156 5.59 28.65 -26.87
N LYS C 157 5.25 27.37 -27.10
CA LYS C 157 3.87 26.89 -27.23
C LYS C 157 3.15 26.96 -25.89
N ILE C 158 3.79 26.46 -24.81
CA ILE C 158 3.26 26.44 -23.45
C ILE C 158 3.05 27.88 -22.95
N GLU C 159 4.00 28.81 -23.24
CA GLU C 159 3.94 30.23 -22.84
C GLU C 159 2.75 30.94 -23.48
N ARG C 160 2.41 30.59 -24.74
CA ARG C 160 1.26 31.16 -25.45
C ARG C 160 -0.05 30.69 -24.83
N LEU C 161 -0.09 29.40 -24.45
CA LEU C 161 -1.23 28.73 -23.82
C LEU C 161 -1.47 29.25 -22.40
N ALA C 162 -0.39 29.47 -21.63
CA ALA C 162 -0.46 29.99 -20.26
C ALA C 162 -0.97 31.43 -20.24
N LEU C 163 -0.67 32.22 -21.29
CA LEU C 163 -1.09 33.62 -21.42
C LEU C 163 -2.57 33.74 -21.85
N THR C 164 -3.10 32.79 -22.68
CA THR C 164 -4.51 32.83 -23.11
C THR C 164 -5.43 32.51 -21.90
N LEU C 165 -4.94 31.71 -20.91
CA LEU C 165 -5.70 31.45 -19.68
C LEU C 165 -5.52 32.67 -18.73
N GLU C 166 -4.33 33.32 -18.80
CA GLU C 166 -3.96 34.53 -18.04
C GLU C 166 -4.57 35.77 -18.73
N ASN C 167 -5.93 35.80 -18.79
CA ASN C 167 -6.72 36.87 -19.43
C ASN C 167 -6.75 38.12 -18.54
N ASP C 176 -5.80 25.51 -14.60
CA ASP C 176 -4.65 25.01 -13.83
C ASP C 176 -3.51 24.55 -14.78
N TYR C 177 -2.57 23.73 -14.28
CA TYR C 177 -1.44 23.24 -15.05
C TYR C 177 -1.86 22.12 -16.02
N LEU C 178 -2.80 21.22 -15.61
CA LEU C 178 -3.29 20.14 -16.47
C LEU C 178 -4.20 20.70 -17.56
N ALA C 179 -4.86 21.85 -17.29
CA ALA C 179 -5.67 22.60 -18.26
C ALA C 179 -4.79 22.99 -19.47
N ILE C 180 -3.54 23.48 -19.20
CA ILE C 180 -2.52 23.86 -20.21
C ILE C 180 -2.12 22.59 -20.99
N ALA C 181 -1.84 21.48 -20.28
CA ALA C 181 -1.44 20.18 -20.83
C ALA C 181 -2.50 19.62 -21.77
N ALA C 182 -3.79 19.68 -21.38
CA ALA C 182 -4.91 19.19 -22.18
C ALA C 182 -5.04 19.97 -23.49
N ASP C 183 -4.94 21.31 -23.40
CA ASP C 183 -5.01 22.22 -24.55
C ASP C 183 -3.87 21.97 -25.53
N PHE C 184 -2.64 21.70 -25.00
CA PHE C 184 -1.47 21.37 -25.83
C PHE C 184 -1.73 20.08 -26.59
N LEU C 185 -2.20 19.03 -25.88
CA LEU C 185 -2.48 17.72 -26.44
C LEU C 185 -3.58 17.79 -27.51
N LYS C 186 -4.65 18.59 -27.26
CA LYS C 186 -5.76 18.79 -28.19
C LYS C 186 -5.28 19.49 -29.49
N ASN C 187 -4.54 20.60 -29.35
CA ASN C 187 -4.01 21.36 -30.49
C ASN C 187 -3.08 20.52 -31.36
N GLN C 188 -2.22 19.70 -30.72
CA GLN C 188 -1.27 18.86 -31.43
C GLN C 188 -1.97 17.72 -32.15
N ALA C 189 -3.05 17.17 -31.55
CA ALA C 189 -3.87 16.10 -32.15
C ALA C 189 -4.56 16.61 -33.41
N ASN C 190 -5.02 17.86 -33.38
CA ASN C 190 -5.69 18.50 -34.52
C ASN C 190 -4.71 18.79 -35.65
N LEU C 191 -3.44 19.09 -35.30
CA LEU C 191 -2.38 19.37 -36.28
C LEU C 191 -1.79 18.10 -36.86
N HIS C 192 -1.72 17.01 -36.08
CA HIS C 192 -1.12 15.74 -36.50
C HIS C 192 -2.09 14.59 -36.24
N ALA C 193 -3.00 14.37 -37.21
CA ALA C 193 -4.05 13.34 -37.17
C ALA C 193 -3.50 11.91 -37.37
N ASP C 194 -2.23 11.76 -37.79
CA ASP C 194 -1.63 10.47 -38.07
C ASP C 194 -0.69 9.97 -36.95
N ASP C 195 -0.49 10.77 -35.88
CA ASP C 195 0.37 10.37 -34.75
C ASP C 195 -0.40 9.36 -33.88
N PRO C 196 0.11 8.10 -33.71
CA PRO C 196 -0.65 7.10 -32.94
C PRO C 196 -0.82 7.43 -31.46
N GLU C 197 0.20 8.05 -30.83
CA GLU C 197 0.15 8.45 -29.41
C GLU C 197 -0.93 9.51 -29.17
N LEU C 198 -1.02 10.52 -30.06
CA LEU C 198 -2.01 11.59 -29.94
C LEU C 198 -3.41 11.10 -30.30
N ASN C 199 -3.53 10.17 -31.27
CA ASN C 199 -4.82 9.60 -31.67
C ASN C 199 -5.40 8.77 -30.54
N LEU C 200 -4.53 7.99 -29.85
CA LEU C 200 -4.92 7.16 -28.73
C LEU C 200 -5.43 8.02 -27.58
N TYR C 201 -4.69 9.12 -27.24
CA TYR C 201 -5.11 10.04 -26.19
C TYR C 201 -6.49 10.63 -26.51
N LYS C 202 -6.67 11.14 -27.74
CA LYS C 202 -7.91 11.74 -28.23
C LYS C 202 -9.08 10.76 -28.05
N ALA C 203 -8.93 9.51 -28.55
CA ALA C 203 -9.94 8.46 -28.51
C ALA C 203 -10.29 8.04 -27.09
N GLU C 204 -9.26 7.83 -26.26
CA GLU C 204 -9.42 7.42 -24.86
C GLU C 204 -10.07 8.50 -24.01
N THR C 205 -9.76 9.79 -24.29
CA THR C 205 -10.32 10.94 -23.55
C THR C 205 -11.80 11.06 -23.89
N LYS C 206 -12.17 10.93 -25.19
CA LYS C 206 -13.57 11.02 -25.63
C LYS C 206 -14.41 9.96 -24.93
N ALA C 207 -13.95 8.68 -24.96
CA ALA C 207 -14.62 7.55 -24.33
C ALA C 207 -14.83 7.77 -22.83
N ARG C 208 -13.79 8.30 -22.13
CA ARG C 208 -13.84 8.58 -20.69
C ARG C 208 -14.77 9.78 -20.37
N GLU C 209 -14.72 10.87 -21.19
CA GLU C 209 -15.58 12.05 -21.02
C GLU C 209 -17.05 11.65 -21.12
N ILE C 210 -17.40 10.77 -22.10
CA ILE C 210 -18.75 10.23 -22.32
C ILE C 210 -19.22 9.55 -21.05
N LYS C 211 -18.38 8.62 -20.49
CA LYS C 211 -18.63 7.88 -19.26
C LYS C 211 -18.78 8.81 -18.05
N ALA C 212 -17.94 9.87 -17.96
CA ALA C 212 -17.95 10.84 -16.86
C ALA C 212 -19.22 11.71 -16.90
N ASN C 213 -19.63 12.14 -18.11
CA ASN C 213 -20.81 12.97 -18.30
C ASN C 213 -22.07 12.16 -18.01
N ARG C 214 -22.13 10.89 -18.47
CA ARG C 214 -23.25 9.97 -18.26
C ARG C 214 -23.49 9.77 -16.76
N ALA C 215 -22.38 9.58 -16.00
CA ALA C 215 -22.38 9.39 -14.56
C ALA C 215 -22.93 10.64 -13.83
N MET C 216 -22.49 11.85 -14.24
CA MET C 216 -22.92 13.13 -13.67
C MET C 216 -24.39 13.38 -13.97
N LYS C 217 -24.83 12.96 -15.18
CA LYS C 217 -26.21 13.09 -15.64
C LYS C 217 -27.13 12.22 -14.80
N GLU C 218 -26.77 10.92 -14.64
CA GLU C 218 -27.54 9.95 -13.86
C GLU C 218 -27.59 10.35 -12.38
N ALA C 219 -26.49 10.97 -11.87
CA ALA C 219 -26.39 11.43 -10.48
C ALA C 219 -27.29 12.67 -10.26
N LEU C 220 -27.29 13.61 -11.23
CA LEU C 220 -28.10 14.84 -11.15
C LEU C 220 -29.58 14.52 -11.25
N GLU C 221 -29.94 13.52 -12.09
CA GLU C 221 -31.32 13.06 -12.27
C GLU C 221 -31.87 12.48 -10.96
N GLY C 222 -31.07 11.63 -10.29
CA GLY C 222 -31.40 11.03 -9.01
C GLY C 222 -31.45 12.04 -7.87
N ALA C 223 -30.59 13.08 -7.95
CA ALA C 223 -30.50 14.18 -6.98
C ALA C 223 -31.74 15.06 -7.07
N ASP C 224 -32.24 15.28 -8.30
CA ASP C 224 -33.44 16.06 -8.62
C ASP C 224 -34.70 15.35 -8.12
N LYS C 225 -34.82 14.02 -8.37
CA LYS C 225 -35.99 13.24 -7.91
C LYS C 225 -36.06 13.24 -6.38
N LEU C 226 -34.88 13.16 -5.72
CA LEU C 226 -34.75 13.12 -4.27
C LEU C 226 -35.24 14.45 -3.65
N PHE C 227 -34.65 15.59 -4.04
CA PHE C 227 -35.02 16.92 -3.51
C PHE C 227 -36.25 17.53 -4.16
N GLU C 228 -36.52 17.16 -5.42
CA GLU C 228 -37.64 17.56 -6.30
C GLU C 228 -37.46 19.01 -6.77
N PHE D 7 16.19 23.82 -36.08
CA PHE D 7 16.64 22.91 -35.03
C PHE D 7 17.30 21.68 -35.65
N ASP D 8 18.51 21.32 -35.16
CA ASP D 8 19.24 20.16 -35.62
C ASP D 8 18.60 18.89 -35.03
N ARG D 9 17.74 18.24 -35.82
CA ARG D 9 16.99 17.04 -35.46
C ARG D 9 17.82 15.76 -35.42
N GLY D 10 18.90 15.72 -36.20
CA GLY D 10 19.73 14.54 -36.36
C GLY D 10 18.98 13.52 -37.20
N PHE D 11 18.91 12.26 -36.75
CA PHE D 11 18.19 11.21 -37.47
C PHE D 11 16.69 11.16 -37.13
N LEU D 12 16.20 12.08 -36.26
CA LEU D 12 14.79 12.14 -35.88
C LEU D 12 14.01 12.94 -36.91
N ARG D 13 12.72 12.63 -37.05
CA ARG D 13 11.80 13.25 -38.01
C ARG D 13 11.04 14.41 -37.34
N PRO D 14 10.38 15.36 -38.07
CA PRO D 14 9.61 16.42 -37.38
C PRO D 14 8.48 15.87 -36.52
N PHE D 15 8.12 16.60 -35.47
CA PHE D 15 7.06 16.19 -34.54
C PHE D 15 5.74 15.98 -35.28
N GLY D 16 5.10 14.85 -35.00
CA GLY D 16 3.81 14.47 -35.56
C GLY D 16 3.83 13.86 -36.96
N ALA D 17 5.03 13.74 -37.56
CA ALA D 17 5.21 13.17 -38.90
C ALA D 17 4.60 11.77 -38.98
N LYS D 18 3.78 11.51 -40.02
CA LYS D 18 3.16 10.20 -40.25
C LYS D 18 4.27 9.19 -40.40
N MET D 19 4.20 8.10 -39.62
CA MET D 19 5.20 7.04 -39.62
C MET D 19 5.18 6.26 -40.92
N LYS D 20 6.35 5.75 -41.32
CA LYS D 20 6.52 4.97 -42.54
C LYS D 20 6.80 3.53 -42.15
N PHE D 21 5.91 2.60 -42.50
CA PHE D 21 6.06 1.19 -42.18
C PHE D 21 6.36 0.36 -43.41
N LEU D 22 7.36 -0.53 -43.28
CA LEU D 22 7.82 -1.43 -44.34
C LEU D 22 7.93 -2.85 -43.82
N LYS D 23 7.84 -3.86 -44.71
CA LYS D 23 7.98 -5.27 -44.34
C LYS D 23 9.48 -5.55 -44.01
N PRO D 24 9.80 -6.53 -43.13
CA PRO D 24 11.21 -6.73 -42.74
C PRO D 24 12.24 -6.87 -43.87
N ASP D 25 11.85 -7.43 -45.03
CA ASP D 25 12.76 -7.61 -46.17
C ASP D 25 13.14 -6.24 -46.78
N GLN D 26 12.15 -5.32 -46.87
CA GLN D 26 12.30 -3.97 -47.41
C GLN D 26 13.18 -3.11 -46.48
N VAL D 27 13.08 -3.34 -45.14
CA VAL D 27 13.85 -2.63 -44.11
C VAL D 27 15.32 -3.08 -44.17
N GLN D 28 15.57 -4.37 -44.50
CA GLN D 28 16.91 -4.95 -44.66
C GLN D 28 17.65 -4.31 -45.84
N LYS D 29 16.89 -3.84 -46.84
CA LYS D 29 17.38 -3.20 -48.06
C LYS D 29 17.69 -1.70 -47.89
N LEU D 30 17.35 -1.10 -46.72
CA LEU D 30 17.59 0.31 -46.46
C LEU D 30 19.06 0.59 -46.18
N SER D 31 19.50 1.84 -46.44
CA SER D 31 20.85 2.32 -46.15
C SER D 31 20.99 2.42 -44.63
N THR D 32 22.24 2.41 -44.11
CA THR D 32 22.50 2.50 -42.66
C THR D 32 21.84 3.77 -42.08
N ASP D 33 21.92 4.91 -42.81
CA ASP D 33 21.32 6.18 -42.41
C ASP D 33 19.78 6.13 -42.42
N ASP D 34 19.17 5.49 -43.45
CA ASP D 34 17.72 5.32 -43.59
C ASP D 34 17.16 4.36 -42.53
N LEU D 35 17.99 3.46 -41.98
CA LEU D 35 17.63 2.52 -40.90
C LEU D 35 17.67 3.24 -39.54
N ILE D 36 18.67 4.15 -39.31
CA ILE D 36 18.81 4.94 -38.07
C ILE D 36 17.67 6.02 -38.05
N THR D 37 16.93 6.17 -39.16
CA THR D 37 15.77 7.05 -39.25
C THR D 37 14.48 6.22 -39.04
N TYR D 38 14.39 5.03 -39.71
CA TYR D 38 13.25 4.11 -39.61
C TYR D 38 13.02 3.62 -38.17
N MET D 39 14.10 3.15 -37.51
CA MET D 39 14.09 2.57 -36.17
C MET D 39 14.02 3.59 -35.03
N ALA D 40 14.60 4.79 -35.20
CA ALA D 40 14.54 5.83 -34.15
C ALA D 40 13.11 6.40 -34.03
N GLU D 41 12.29 6.28 -35.10
CA GLU D 41 10.90 6.72 -35.18
C GLU D 41 9.94 5.75 -34.44
N LYS D 42 10.31 4.45 -34.40
CA LYS D 42 9.49 3.38 -33.83
C LYS D 42 10.00 2.80 -32.49
N ASP D 43 11.33 2.82 -32.25
CA ASP D 43 11.96 2.26 -31.06
C ASP D 43 12.61 3.37 -30.22
N LYS D 44 12.27 3.44 -28.92
CA LYS D 44 12.78 4.46 -28.02
C LYS D 44 14.26 4.26 -27.66
N ASN D 45 14.77 3.01 -27.70
CA ASN D 45 16.18 2.75 -27.40
C ASN D 45 17.06 3.34 -28.53
N VAL D 46 16.70 3.07 -29.81
CA VAL D 46 17.40 3.58 -31.01
C VAL D 46 17.29 5.12 -31.02
N ARG D 47 16.13 5.67 -30.60
CA ARG D 47 15.86 7.12 -30.50
C ARG D 47 16.82 7.78 -29.49
N ASP D 48 16.93 7.21 -28.27
CA ASP D 48 17.78 7.72 -27.19
C ASP D 48 19.25 7.69 -27.58
N LEU D 49 19.65 6.66 -28.36
CA LEU D 49 21.01 6.51 -28.88
C LEU D 49 21.26 7.53 -29.99
N ALA D 50 20.25 7.79 -30.86
CA ALA D 50 20.33 8.77 -31.96
C ALA D 50 20.49 10.19 -31.41
N ILE D 51 19.88 10.48 -30.24
CA ILE D 51 20.01 11.78 -29.54
C ILE D 51 21.45 11.90 -29.03
N LYS D 52 22.01 10.81 -28.46
CA LYS D 52 23.39 10.76 -27.97
C LYS D 52 24.38 10.94 -29.14
N LEU D 53 24.03 10.38 -30.32
CA LEU D 53 24.79 10.47 -31.56
C LEU D 53 24.79 11.92 -32.10
N ARG D 54 23.64 12.60 -31.98
CA ARG D 54 23.43 13.99 -32.39
C ARG D 54 24.30 14.94 -31.54
N ASP D 55 24.35 14.71 -30.21
CA ASP D 55 25.16 15.50 -29.27
C ASP D 55 26.66 15.28 -29.52
N ALA D 56 27.05 14.04 -29.90
CA ALA D 56 28.43 13.66 -30.25
C ALA D 56 28.87 14.33 -31.56
N LYS D 57 27.96 14.40 -32.55
CA LYS D 57 28.18 15.05 -33.85
C LYS D 57 28.36 16.57 -33.66
N GLN D 58 27.60 17.16 -32.72
CA GLN D 58 27.65 18.58 -32.38
C GLN D 58 28.99 18.95 -31.72
N ASP D 59 29.50 18.09 -30.79
CA ASP D 59 30.78 18.30 -30.10
C ASP D 59 31.97 18.19 -31.07
N SER D 60 31.90 17.23 -32.01
CA SER D 60 32.89 16.96 -33.06
C SER D 60 33.01 18.13 -34.06
N THR D 61 31.88 18.81 -34.35
CA THR D 61 31.81 19.95 -35.26
C THR D 61 32.43 21.17 -34.57
N ILE D 68 38.06 14.38 -30.26
CA ILE D 68 36.66 14.12 -29.94
C ILE D 68 35.96 13.39 -31.13
N LYS D 69 36.70 13.21 -32.27
CA LYS D 69 36.22 12.49 -33.46
C LYS D 69 36.05 11.00 -33.16
N GLN D 70 36.79 10.47 -32.16
CA GLN D 70 36.73 9.09 -31.70
C GLN D 70 35.41 8.81 -30.95
N LYS D 71 34.88 9.85 -30.25
CA LYS D 71 33.63 9.78 -29.46
C LYS D 71 32.39 9.64 -30.37
N TYR D 72 32.35 10.39 -31.50
CA TYR D 72 31.25 10.37 -32.46
C TYR D 72 31.16 9.00 -33.18
N ASP D 73 32.32 8.45 -33.61
CA ASP D 73 32.45 7.17 -34.32
C ASP D 73 31.91 5.98 -33.49
N LYS D 74 32.16 5.96 -32.16
CA LYS D 74 31.66 4.89 -31.31
C LYS D 74 30.16 5.10 -30.97
N ALA D 75 29.69 6.37 -30.93
CA ALA D 75 28.27 6.72 -30.71
C ALA D 75 27.43 6.31 -31.93
N TYR D 76 28.01 6.45 -33.15
CA TYR D 76 27.38 6.07 -34.42
C TYR D 76 27.26 4.55 -34.55
N GLU D 77 28.30 3.78 -34.16
CA GLU D 77 28.29 2.32 -34.27
C GLU D 77 27.31 1.68 -33.26
N LYS D 78 27.12 2.31 -32.08
CA LYS D 78 26.17 1.86 -31.05
C LYS D 78 24.73 1.99 -31.58
N THR D 79 24.43 3.10 -32.31
CA THR D 79 23.11 3.34 -32.92
C THR D 79 22.89 2.33 -34.07
N LYS D 80 23.94 2.14 -34.91
CA LYS D 80 23.96 1.25 -36.07
C LYS D 80 23.63 -0.20 -35.65
N ALA D 81 24.33 -0.70 -34.61
CA ALA D 81 24.16 -2.04 -34.06
C ALA D 81 22.75 -2.27 -33.52
N ALA D 82 22.22 -1.29 -32.74
CA ALA D 82 20.88 -1.34 -32.13
C ALA D 82 19.77 -1.43 -33.18
N ALA D 83 19.88 -0.60 -34.25
CA ALA D 83 18.91 -0.56 -35.34
C ALA D 83 18.97 -1.83 -36.19
N GLU D 84 20.20 -2.35 -36.45
CA GLU D 84 20.42 -3.57 -37.24
C GLU D 84 19.90 -4.83 -36.53
N LYS D 85 19.98 -4.86 -35.18
CA LYS D 85 19.56 -5.99 -34.34
C LYS D 85 18.05 -6.23 -34.43
N LEU D 86 17.27 -5.16 -34.61
CA LEU D 86 15.81 -5.22 -34.69
C LEU D 86 15.30 -5.83 -36.02
N VAL D 87 16.18 -5.96 -37.05
CA VAL D 87 15.82 -6.53 -38.37
C VAL D 87 16.80 -7.69 -38.75
N SER D 88 17.66 -8.14 -37.81
CA SER D 88 18.60 -9.24 -38.07
C SER D 88 17.83 -10.51 -38.49
N GLU D 89 18.19 -11.11 -39.66
CA GLU D 89 17.53 -12.29 -40.25
C GLU D 89 17.50 -13.51 -39.29
N GLU D 90 18.38 -13.51 -38.26
CA GLU D 90 18.49 -14.52 -37.21
C GLU D 90 17.15 -14.65 -36.46
N SER D 91 16.50 -13.49 -36.20
CA SER D 91 15.24 -13.34 -35.49
C SER D 91 14.01 -13.24 -36.43
N LEU D 92 14.15 -13.71 -37.69
CA LEU D 92 13.07 -13.71 -38.68
C LEU D 92 12.56 -15.13 -38.99
N THR D 93 13.34 -16.16 -38.60
CA THR D 93 13.00 -17.58 -38.79
C THR D 93 12.01 -18.03 -37.68
N ARG D 94 11.17 -19.03 -37.98
CA ARG D 94 10.13 -19.58 -37.10
C ARG D 94 10.67 -20.01 -35.72
N ASP D 95 11.88 -20.61 -35.67
CA ASP D 95 12.56 -21.08 -34.45
C ASP D 95 12.81 -19.93 -33.46
N ALA D 96 13.40 -18.81 -33.94
CA ALA D 96 13.71 -17.62 -33.14
C ALA D 96 12.44 -16.88 -32.66
N LEU D 97 11.37 -16.87 -33.51
CA LEU D 97 10.08 -16.22 -33.19
C LEU D 97 9.34 -16.98 -32.07
N LEU D 98 9.62 -18.29 -31.91
CA LEU D 98 9.04 -19.15 -30.87
C LEU D 98 9.68 -18.90 -29.50
N GLU D 99 10.92 -18.35 -29.47
CA GLU D 99 11.66 -18.02 -28.23
C GLU D 99 11.09 -16.75 -27.57
N LEU D 100 10.38 -15.95 -28.38
CA LEU D 100 9.77 -14.68 -28.03
C LEU D 100 8.45 -14.85 -27.29
N THR D 101 8.25 -14.03 -26.24
CA THR D 101 7.01 -13.95 -25.46
C THR D 101 5.98 -13.26 -26.34
N GLU D 102 4.68 -13.44 -26.04
CA GLU D 102 3.60 -12.80 -26.78
C GLU D 102 3.85 -11.28 -26.96
N GLU D 103 4.30 -10.59 -25.86
CA GLU D 103 4.60 -9.14 -25.89
C GLU D 103 5.82 -8.82 -26.78
N GLN D 104 6.94 -9.60 -26.68
CA GLN D 104 8.15 -9.42 -27.51
C GLN D 104 7.85 -9.62 -29.00
N TYR D 105 7.04 -10.66 -29.31
CA TYR D 105 6.58 -11.02 -30.64
C TYR D 105 5.76 -9.87 -31.24
N VAL D 106 4.81 -9.31 -30.45
CA VAL D 106 3.96 -8.19 -30.82
C VAL D 106 4.80 -6.89 -30.89
N GLU D 107 5.80 -6.72 -29.99
CA GLU D 107 6.69 -5.55 -29.97
C GLU D 107 7.62 -5.52 -31.17
N LYS D 108 8.03 -6.69 -31.69
CA LYS D 108 8.86 -6.82 -32.88
C LYS D 108 8.02 -6.52 -34.13
N ALA D 109 6.78 -7.08 -34.20
CA ALA D 109 5.81 -6.93 -35.30
C ALA D 109 5.25 -5.49 -35.44
N ALA D 110 5.26 -4.70 -34.34
CA ALA D 110 4.80 -3.32 -34.33
C ALA D 110 5.75 -2.40 -35.10
N LEU D 111 7.04 -2.82 -35.26
CA LEU D 111 8.06 -2.09 -36.01
C LEU D 111 7.81 -2.14 -37.53
N PHE D 112 7.00 -3.13 -38.00
CA PHE D 112 6.74 -3.38 -39.42
C PHE D 112 5.24 -3.37 -39.82
N ASP D 113 4.33 -3.02 -38.90
CA ASP D 113 2.89 -2.94 -39.20
C ASP D 113 2.24 -1.82 -38.37
N LYS D 114 1.49 -0.94 -39.07
CA LYS D 114 0.76 0.22 -38.55
C LYS D 114 -0.29 -0.14 -37.51
N ASP D 115 -1.13 -1.15 -37.82
CA ASP D 115 -2.21 -1.61 -36.96
C ASP D 115 -1.68 -2.35 -35.73
N VAL D 116 -0.56 -3.10 -35.88
CA VAL D 116 0.08 -3.80 -34.76
C VAL D 116 0.67 -2.75 -33.81
N TYR D 117 1.22 -1.63 -34.36
CA TYR D 117 1.77 -0.52 -33.59
C TYR D 117 0.68 0.13 -32.73
N ARG D 118 -0.49 0.47 -33.34
CA ARG D 118 -1.63 1.07 -32.63
C ARG D 118 -2.16 0.12 -31.54
N ASN D 119 -2.37 -1.16 -31.87
CA ASN D 119 -2.87 -2.18 -30.94
C ASN D 119 -1.89 -2.41 -29.79
N ASN D 120 -0.57 -2.38 -30.07
CA ASN D 120 0.50 -2.54 -29.08
C ASN D 120 0.47 -1.36 -28.08
N LEU D 121 0.23 -0.13 -28.59
CA LEU D 121 0.14 1.08 -27.78
C LEU D 121 -1.07 1.03 -26.85
N GLN D 122 -2.20 0.51 -27.39
CA GLN D 122 -3.51 0.33 -26.75
C GLN D 122 -3.41 -0.68 -25.59
N ARG D 123 -2.71 -1.80 -25.82
CA ARG D 123 -2.42 -2.89 -24.89
C ARG D 123 -1.55 -2.35 -23.74
N GLN D 124 -0.50 -1.58 -24.07
CA GLN D 124 0.43 -0.99 -23.11
C GLN D 124 -0.27 0.00 -22.17
N THR D 125 -1.28 0.76 -22.67
CA THR D 125 -2.02 1.71 -21.86
C THR D 125 -2.96 0.95 -20.90
N TYR D 126 -3.76 -0.02 -21.43
CA TYR D 126 -4.70 -0.79 -20.59
C TYR D 126 -3.98 -1.61 -19.52
N GLU D 127 -2.79 -2.16 -19.84
CA GLU D 127 -1.98 -2.94 -18.89
C GLU D 127 -1.40 -2.03 -17.80
N ARG D 128 -0.94 -0.83 -18.19
CA ARG D 128 -0.41 0.18 -17.27
C ARG D 128 -1.50 0.61 -16.29
N LEU D 129 -2.72 0.88 -16.80
CA LEU D 129 -3.87 1.28 -16.00
C LEU D 129 -4.36 0.14 -15.12
N LEU D 130 -4.18 -1.13 -15.54
CA LEU D 130 -4.55 -2.28 -14.71
C LEU D 130 -3.68 -2.28 -13.44
N ARG D 131 -2.38 -2.01 -13.60
CA ARG D 131 -1.41 -1.92 -12.52
C ARG D 131 -1.62 -0.68 -11.64
N SER D 132 -1.74 0.52 -12.24
CA SER D 132 -1.86 1.74 -11.45
C SER D 132 -3.22 1.84 -10.75
N GLU D 133 -4.31 1.28 -11.33
CA GLU D 133 -5.63 1.32 -10.69
C GLU D 133 -5.72 0.33 -9.56
N THR D 134 -4.94 -0.76 -9.62
CA THR D 134 -4.92 -1.72 -8.52
C THR D 134 -4.21 -1.03 -7.30
N ASP D 135 -3.18 -0.19 -7.58
CA ASP D 135 -2.43 0.57 -6.57
C ASP D 135 -3.31 1.64 -5.92
N VAL D 136 -4.01 2.46 -6.74
CA VAL D 136 -4.92 3.53 -6.30
C VAL D 136 -6.01 2.92 -5.41
N SER D 137 -6.65 1.82 -5.87
CA SER D 137 -7.74 1.17 -5.13
C SER D 137 -7.24 0.58 -3.83
N TYR D 138 -6.11 -0.18 -3.87
CA TYR D 138 -5.57 -0.79 -2.68
C TYR D 138 -5.32 0.25 -1.60
N ARG D 139 -4.63 1.35 -1.94
CA ARG D 139 -4.33 2.44 -1.02
C ARG D 139 -5.61 3.09 -0.45
N GLU D 140 -6.69 3.18 -1.23
CA GLU D 140 -7.97 3.76 -0.80
C GLU D 140 -8.75 2.78 0.09
N VAL D 141 -8.90 1.51 -0.36
CA VAL D 141 -9.61 0.43 0.35
C VAL D 141 -8.90 0.10 1.67
N ALA D 142 -7.54 0.10 1.69
CA ALA D 142 -6.75 -0.14 2.90
C ALA D 142 -7.00 0.96 3.93
N ARG D 143 -7.13 2.22 3.50
CA ARG D 143 -7.40 3.37 4.38
C ARG D 143 -8.76 3.19 5.09
N THR D 144 -9.80 2.78 4.33
CA THR D 144 -11.15 2.51 4.83
C THR D 144 -11.13 1.28 5.75
N PHE D 145 -10.38 0.21 5.37
CA PHE D 145 -10.25 -1.02 6.14
C PHE D 145 -9.64 -0.74 7.51
N ILE D 146 -8.53 0.00 7.57
CA ILE D 146 -7.81 0.35 8.82
C ILE D 146 -8.72 1.17 9.73
N ALA D 147 -9.48 2.10 9.13
CA ALA D 147 -10.42 2.99 9.84
C ALA D 147 -11.49 2.18 10.61
N ARG D 148 -12.02 1.11 9.97
CA ARG D 148 -13.10 0.27 10.49
C ARG D 148 -12.66 -1.03 11.15
N GLU D 149 -11.42 -1.52 10.89
CA GLU D 149 -10.97 -2.79 11.43
C GLU D 149 -9.64 -2.74 12.15
N GLY D 150 -8.85 -1.68 11.95
CA GLY D 150 -7.53 -1.57 12.55
C GLY D 150 -6.42 -2.07 11.63
N GLU D 151 -5.21 -1.57 11.84
CA GLU D 151 -4.06 -1.93 11.01
C GLU D 151 -3.60 -3.39 11.30
N PRO D 152 -3.61 -3.91 12.56
CA PRO D 152 -3.23 -5.32 12.77
C PRO D 152 -4.08 -6.30 11.97
N ALA D 153 -5.38 -6.01 11.81
CA ALA D 153 -6.35 -6.83 11.09
C ALA D 153 -5.97 -6.91 9.61
N LEU D 154 -5.52 -5.76 9.01
CA LEU D 154 -5.08 -5.71 7.61
C LEU D 154 -3.77 -6.48 7.45
N ASN D 155 -2.84 -6.26 8.41
CA ASN D 155 -1.53 -6.89 8.43
C ASN D 155 -1.65 -8.40 8.42
N ALA D 156 -2.59 -8.97 9.19
CA ALA D 156 -2.85 -10.41 9.25
C ALA D 156 -3.35 -10.95 7.89
N LYS D 157 -4.22 -10.20 7.19
CA LYS D 157 -4.78 -10.56 5.89
C LYS D 157 -3.71 -10.57 4.81
N ILE D 158 -2.86 -9.52 4.78
CA ILE D 158 -1.75 -9.38 3.83
C ILE D 158 -0.72 -10.50 4.07
N GLU D 159 -0.44 -10.84 5.33
CA GLU D 159 0.47 -11.91 5.71
C GLU D 159 -0.04 -13.28 5.20
N ARG D 160 -1.33 -13.57 5.45
CA ARG D 160 -2.01 -14.80 5.01
C ARG D 160 -1.90 -14.94 3.47
N LEU D 161 -2.03 -13.82 2.75
CA LEU D 161 -1.94 -13.76 1.30
C LEU D 161 -0.50 -13.96 0.81
N ALA D 162 0.48 -13.31 1.46
CA ALA D 162 1.89 -13.43 1.12
C ALA D 162 2.40 -14.85 1.33
N LEU D 163 1.88 -15.56 2.35
CA LEU D 163 2.30 -16.92 2.63
C LEU D 163 1.69 -17.91 1.63
N THR D 164 0.40 -17.76 1.25
CA THR D 164 -0.23 -18.67 0.29
C THR D 164 0.38 -18.52 -1.12
N LEU D 165 0.74 -17.28 -1.50
CA LEU D 165 1.33 -16.96 -2.79
C LEU D 165 2.83 -17.33 -2.87
N GLU D 166 3.51 -17.51 -1.71
CA GLU D 166 4.93 -17.91 -1.62
C GLU D 166 5.08 -19.42 -1.92
N ASN D 167 4.03 -20.22 -1.62
CA ASN D 167 3.98 -21.68 -1.85
C ASN D 167 3.78 -22.01 -3.34
N ASN D 168 3.05 -21.13 -4.08
CA ASN D 168 2.78 -21.26 -5.52
C ASN D 168 3.93 -20.68 -6.35
N LEU D 175 -2.13 -14.08 -15.30
CA LEU D 175 -1.46 -12.82 -15.60
C LEU D 175 -1.68 -11.81 -14.43
N ASP D 176 -0.96 -12.05 -13.31
CA ASP D 176 -1.03 -11.23 -12.10
C ASP D 176 -0.04 -10.04 -12.11
N TYR D 177 -0.56 -8.87 -11.69
CA TYR D 177 0.09 -7.56 -11.55
C TYR D 177 -0.23 -7.06 -10.13
N LEU D 178 0.79 -6.60 -9.35
CA LEU D 178 0.61 -6.19 -7.94
C LEU D 178 -0.17 -7.31 -7.20
N ALA D 179 0.37 -8.53 -7.34
CA ALA D 179 -0.14 -9.82 -6.92
C ALA D 179 -0.82 -9.85 -5.55
N ILE D 180 -0.23 -9.24 -4.51
CA ILE D 180 -0.83 -9.34 -3.17
C ILE D 180 -2.00 -8.35 -3.02
N ALA D 181 -1.81 -7.09 -3.48
CA ALA D 181 -2.80 -6.02 -3.45
C ALA D 181 -4.06 -6.40 -4.23
N ALA D 182 -3.90 -6.99 -5.45
CA ALA D 182 -5.00 -7.38 -6.32
C ALA D 182 -5.83 -8.48 -5.68
N ASP D 183 -5.15 -9.48 -5.11
CA ASP D 183 -5.75 -10.61 -4.42
C ASP D 183 -6.57 -10.17 -3.20
N PHE D 184 -6.05 -9.18 -2.46
CA PHE D 184 -6.74 -8.59 -1.32
C PHE D 184 -8.05 -7.95 -1.79
N LEU D 185 -7.99 -7.07 -2.82
CA LEU D 185 -9.15 -6.35 -3.34
C LEU D 185 -10.20 -7.31 -3.89
N LYS D 186 -9.76 -8.39 -4.59
CA LYS D 186 -10.64 -9.43 -5.15
C LYS D 186 -11.38 -10.18 -4.03
N ASN D 187 -10.64 -10.66 -3.00
CA ASN D 187 -11.21 -11.40 -1.87
C ASN D 187 -12.21 -10.56 -1.10
N GLN D 188 -11.92 -9.27 -0.90
CA GLN D 188 -12.79 -8.35 -0.17
C GLN D 188 -14.06 -8.05 -0.95
N ALA D 189 -13.95 -7.95 -2.28
CA ALA D 189 -15.09 -7.72 -3.17
C ALA D 189 -16.05 -8.91 -3.11
N ASN D 190 -15.51 -10.12 -3.04
CA ASN D 190 -16.28 -11.35 -2.96
C ASN D 190 -16.97 -11.49 -1.60
N LEU D 191 -16.34 -10.98 -0.53
CA LEU D 191 -16.89 -11.02 0.82
C LEU D 191 -17.92 -9.94 1.06
N HIS D 192 -17.75 -8.75 0.42
CA HIS D 192 -18.63 -7.60 0.61
C HIS D 192 -19.13 -7.08 -0.74
N ALA D 193 -20.19 -7.73 -1.24
CA ALA D 193 -20.81 -7.44 -2.54
C ALA D 193 -21.61 -6.12 -2.56
N ASP D 194 -21.85 -5.52 -1.39
CA ASP D 194 -22.62 -4.28 -1.28
C ASP D 194 -21.76 -3.02 -1.07
N ASP D 195 -20.41 -3.17 -0.97
CA ASP D 195 -19.51 -2.01 -0.82
C ASP D 195 -19.36 -1.31 -2.19
N PRO D 196 -19.76 -0.03 -2.32
CA PRO D 196 -19.68 0.64 -3.64
C PRO D 196 -18.25 0.82 -4.17
N GLU D 197 -17.26 1.11 -3.28
CA GLU D 197 -15.86 1.26 -3.70
C GLU D 197 -15.29 -0.03 -4.29
N LEU D 198 -15.56 -1.19 -3.63
CA LEU D 198 -15.09 -2.49 -4.07
C LEU D 198 -15.83 -2.96 -5.32
N ASN D 199 -17.14 -2.67 -5.42
CA ASN D 199 -17.95 -3.01 -6.60
C ASN D 199 -17.45 -2.26 -7.83
N LEU D 200 -17.09 -0.97 -7.64
CA LEU D 200 -16.59 -0.13 -8.71
C LEU D 200 -15.24 -0.66 -9.21
N TYR D 201 -14.30 -1.03 -8.28
CA TYR D 201 -13.00 -1.59 -8.64
C TYR D 201 -13.19 -2.87 -9.46
N LYS D 202 -14.04 -3.79 -8.96
CA LYS D 202 -14.36 -5.07 -9.58
C LYS D 202 -14.86 -4.86 -11.01
N ALA D 203 -15.89 -3.98 -11.19
CA ALA D 203 -16.51 -3.66 -12.48
C ALA D 203 -15.52 -3.03 -13.45
N GLU D 204 -14.74 -2.05 -12.98
CA GLU D 204 -13.77 -1.33 -13.78
C GLU D 204 -12.60 -2.21 -14.22
N THR D 205 -12.18 -3.17 -13.36
CA THR D 205 -11.10 -4.12 -13.64
C THR D 205 -11.56 -5.09 -14.73
N LYS D 206 -12.80 -5.63 -14.61
CA LYS D 206 -13.37 -6.54 -15.62
C LYS D 206 -13.40 -5.88 -17.01
N ALA D 207 -13.95 -4.65 -17.07
CA ALA D 207 -14.04 -3.87 -18.31
C ALA D 207 -12.67 -3.60 -18.91
N ARG D 208 -11.65 -3.28 -18.09
CA ARG D 208 -10.28 -3.01 -18.55
C ARG D 208 -9.59 -4.29 -19.03
N GLU D 209 -9.77 -5.43 -18.29
CA GLU D 209 -9.20 -6.73 -18.66
C GLU D 209 -9.70 -7.16 -20.05
N ILE D 210 -11.04 -7.00 -20.32
CA ILE D 210 -11.68 -7.26 -21.61
C ILE D 210 -10.98 -6.45 -22.72
N LYS D 211 -10.81 -5.13 -22.50
CA LYS D 211 -10.15 -4.20 -23.43
C LYS D 211 -8.69 -4.57 -23.65
N ALA D 212 -7.96 -4.98 -22.58
CA ALA D 212 -6.54 -5.37 -22.65
C ALA D 212 -6.35 -6.66 -23.42
N ASN D 213 -7.25 -7.66 -23.21
CA ASN D 213 -7.21 -8.96 -23.88
C ASN D 213 -7.54 -8.79 -25.36
N ARG D 214 -8.58 -7.96 -25.68
CA ARG D 214 -8.99 -7.66 -27.06
C ARG D 214 -7.86 -7.00 -27.86
N ALA D 215 -7.13 -6.04 -27.23
CA ALA D 215 -6.00 -5.29 -27.81
C ALA D 215 -4.79 -6.18 -28.06
N MET D 216 -4.56 -7.19 -27.20
CA MET D 216 -3.48 -8.16 -27.34
C MET D 216 -3.84 -9.19 -28.41
N LYS D 217 -5.14 -9.56 -28.51
CA LYS D 217 -5.69 -10.50 -29.48
C LYS D 217 -5.54 -9.92 -30.90
N GLU D 218 -5.99 -8.65 -31.10
CA GLU D 218 -5.89 -7.94 -32.38
C GLU D 218 -4.43 -7.72 -32.78
N ALA D 219 -3.53 -7.49 -31.79
CA ALA D 219 -2.09 -7.28 -31.97
C ALA D 219 -1.37 -8.57 -32.34
N LEU D 220 -1.82 -9.72 -31.79
CA LEU D 220 -1.26 -11.03 -32.08
C LEU D 220 -1.73 -11.53 -33.45
N GLU D 221 -3.00 -11.26 -33.82
CA GLU D 221 -3.57 -11.64 -35.12
C GLU D 221 -2.83 -10.93 -36.26
N GLY D 222 -2.55 -9.64 -36.09
CA GLY D 222 -1.81 -8.79 -37.02
C GLY D 222 -0.32 -9.09 -37.07
N ALA D 223 0.24 -9.64 -35.97
CA ALA D 223 1.63 -10.07 -35.84
C ALA D 223 1.82 -11.41 -36.56
N ASP D 224 0.79 -12.28 -36.52
CA ASP D 224 0.73 -13.60 -37.18
C ASP D 224 0.63 -13.41 -38.71
N LYS D 225 -0.24 -12.49 -39.18
CA LYS D 225 -0.43 -12.16 -40.59
C LYS D 225 0.88 -11.61 -41.21
N LEU D 226 1.66 -10.82 -40.43
CA LEU D 226 2.95 -10.21 -40.79
C LEU D 226 4.04 -11.30 -40.90
N PHE D 227 4.13 -12.17 -39.86
CA PHE D 227 5.08 -13.27 -39.74
C PHE D 227 4.51 -14.62 -40.27
N GLU D 228 3.69 -14.55 -41.37
CA GLU D 228 3.06 -15.67 -42.09
C GLU D 228 2.22 -16.57 -41.16
CL CL E . -2.27 -14.51 33.94
#